data_5Y42
#
_entry.id   5Y42
#
_cell.length_a   171.226
_cell.length_b   171.226
_cell.length_c   75.850
_cell.angle_alpha   90.00
_cell.angle_beta   90.00
_cell.angle_gamma   120.00
#
_symmetry.space_group_name_H-M   'P 64'
#
loop_
_entity.id
_entity.type
_entity.pdbx_description
1 polymer Lectin
2 polymer 'Seed lectin'
3 polymer 'Seed lectin'
4 non-polymer 2-acetamido-2-deoxy-beta-D-glucopyranose
5 water water
#
loop_
_entity_poly.entity_id
_entity_poly.type
_entity_poly.pdbx_seq_one_letter_code
_entity_poly.pdbx_strand_id
1 'polypeptide(L)' ANLRLSEANSGTYKTFIGRVREELGSETYRLYGIPVLKHSL A,D
2 'polypeptide(L)'
;NRFYLLTLTSNQDESITLAIDVEDMVAVAYQPAGSHESYFFLNAPQIAFHTLFTDTHQNVLNFDNTFKSLENAAGTTRQT
IVLGVDPLDFAISNLFNADPKLLPLSFLVIIQMVLEASKFRFIEQSVAYSFKNEKTFLPDLAIVSLEDNWSEISLQIQAS
TSLQGLFGSVVELYNSNNELIEVDSIYYPIILANVALQLYHCQVST
;
B,E
3 'polypeptide(L)'
;NECLVETRTTRISGRDALCVDVAGALTSDGSRLILYPCGQQVNQKWTFHSDGTVRSLGKCLATNNSKFGNLVVIYDCSKL
AAEDISWDVSVGGTIMNPNYEDLALTSNKATRSTNLTMEVNTYSASQGWRVGNYVQPIIGSIVGLDDMCLEATDGNTNMW
LEECVPNQREQSWALYSDGTIRVDDNRELCVTASSSTYDNWKVITILNCDGSNNQRWVFLADGSISTPGNQRLAMDVARS
DVDLKKIILHRPHGDLNQQWVLFY
;
C,F
#
# COMPACT_ATOMS: atom_id res chain seq x y z
N ALA A 1 -31.03 25.00 -21.47
CA ALA A 1 -30.88 24.15 -20.24
C ALA A 1 -31.12 25.00 -18.96
N ASN A 2 -32.39 25.00 -18.53
CA ASN A 2 -32.92 25.91 -17.54
C ASN A 2 -33.10 25.09 -16.25
N LEU A 3 -33.04 25.76 -15.12
CA LEU A 3 -33.50 25.18 -13.87
C LEU A 3 -34.27 26.28 -13.14
N ARG A 4 -35.55 26.01 -12.93
CA ARG A 4 -36.44 26.83 -12.12
C ARG A 4 -36.59 26.16 -10.76
N LEU A 5 -36.41 26.95 -9.73
CA LEU A 5 -36.55 26.48 -8.37
C LEU A 5 -37.97 26.53 -7.79
N SER A 6 -38.89 27.30 -8.39
CA SER A 6 -40.30 27.29 -7.94
C SER A 6 -40.96 25.99 -8.37
N GLU A 7 -40.61 25.52 -9.58
CA GLU A 7 -41.17 24.27 -10.17
C GLU A 7 -40.26 23.05 -9.85
N ALA A 8 -39.74 22.98 -8.65
CA ALA A 8 -38.61 22.09 -8.37
C ALA A 8 -38.82 21.01 -7.37
N ASN A 9 -38.67 19.76 -7.80
CA ASN A 9 -38.60 18.60 -6.92
C ASN A 9 -37.40 17.76 -7.35
N SER A 10 -37.17 16.67 -6.59
CA SER A 10 -36.14 15.68 -6.94
C SER A 10 -36.18 15.27 -8.40
N GLY A 11 -37.37 15.05 -8.93
CA GLY A 11 -37.54 14.60 -10.32
C GLY A 11 -37.09 15.60 -11.36
N THR A 12 -37.42 16.89 -11.15
CA THR A 12 -37.02 17.93 -12.11
C THR A 12 -35.52 18.24 -11.99
N TYR A 13 -35.00 18.20 -10.77
CA TYR A 13 -33.55 18.32 -10.57
C TYR A 13 -32.77 17.28 -11.36
N LYS A 14 -33.15 16.00 -11.22
CA LYS A 14 -32.49 14.87 -11.93
C LYS A 14 -32.60 14.97 -13.43
N THR A 15 -33.76 15.44 -13.91
CA THR A 15 -33.98 15.68 -15.34
C THR A 15 -33.04 16.74 -15.89
N PHE A 16 -32.92 17.82 -15.14
CA PHE A 16 -31.96 18.91 -15.45
C PHE A 16 -30.51 18.40 -15.51
N ILE A 17 -30.05 17.69 -14.48
CA ILE A 17 -28.70 17.12 -14.46
C ILE A 17 -28.55 16.16 -15.63
N GLY A 18 -29.61 15.42 -15.89
CA GLY A 18 -29.62 14.50 -17.05
C GLY A 18 -29.40 15.19 -18.37
N ARG A 19 -30.04 16.34 -18.54
CA ARG A 19 -29.86 17.14 -19.75
C ARG A 19 -28.44 17.76 -19.87
N VAL A 20 -27.89 18.22 -18.75
CA VAL A 20 -26.53 18.77 -18.76
C VAL A 20 -25.57 17.69 -19.23
N ARG A 21 -25.68 16.47 -18.66
CA ARG A 21 -24.87 15.32 -19.11
C ARG A 21 -25.02 15.01 -20.58
N GLU A 22 -26.24 15.05 -21.08
CA GLU A 22 -26.54 14.82 -22.50
C GLU A 22 -25.78 15.75 -23.46
N GLU A 23 -25.84 17.06 -23.09
CA GLU A 23 -25.30 18.12 -23.88
C GLU A 23 -23.75 18.17 -23.79
N LEU A 24 -23.17 17.82 -22.63
CA LEU A 24 -21.72 17.91 -22.43
C LEU A 24 -20.93 16.60 -22.77
N GLY A 25 -21.58 15.47 -22.61
CA GLY A 25 -21.03 14.19 -22.91
C GLY A 25 -21.15 13.85 -24.39
N SER A 26 -20.08 13.24 -24.87
CA SER A 26 -20.02 12.76 -26.26
C SER A 26 -21.08 11.70 -26.49
N GLU A 27 -21.69 11.81 -27.64
CA GLU A 27 -22.63 10.77 -28.16
C GLU A 27 -21.92 9.51 -28.60
N THR A 28 -20.74 9.64 -29.24
CA THR A 28 -20.01 8.47 -29.72
C THR A 28 -18.74 7.99 -28.99
N TYR A 29 -18.06 8.86 -28.27
CA TYR A 29 -16.79 8.52 -27.62
C TYR A 29 -17.00 8.20 -26.13
N ARG A 30 -17.02 6.91 -25.84
CA ARG A 30 -17.20 6.37 -24.48
C ARG A 30 -16.13 5.32 -24.18
N LEU A 31 -15.83 5.22 -22.91
CA LEU A 31 -14.85 4.24 -22.43
C LEU A 31 -15.47 3.51 -21.29
N TYR A 32 -15.57 2.19 -21.39
CA TYR A 32 -16.25 1.37 -20.40
C TYR A 32 -17.69 1.89 -20.18
N GLY A 33 -18.31 2.49 -21.22
CA GLY A 33 -19.66 3.07 -21.07
C GLY A 33 -19.76 4.52 -20.60
N ILE A 34 -18.65 5.08 -20.10
CA ILE A 34 -18.63 6.44 -19.55
C ILE A 34 -18.27 7.44 -20.62
N PRO A 35 -19.14 8.38 -20.95
CA PRO A 35 -18.81 9.42 -21.93
C PRO A 35 -17.61 10.34 -21.64
N VAL A 36 -16.80 10.57 -22.66
CA VAL A 36 -15.78 11.59 -22.66
C VAL A 36 -16.47 12.90 -23.01
N LEU A 37 -15.99 14.01 -22.44
CA LEU A 37 -16.53 15.32 -22.76
C LEU A 37 -16.37 15.62 -24.24
N LYS A 38 -17.35 16.31 -24.79
CA LYS A 38 -17.38 16.65 -26.21
C LYS A 38 -16.26 17.57 -26.58
N HIS A 39 -15.80 17.50 -27.83
CA HIS A 39 -14.81 18.43 -28.36
C HIS A 39 -15.41 19.77 -28.75
N SER A 40 -16.64 19.71 -29.24
CA SER A 40 -17.43 20.92 -29.55
C SER A 40 -18.93 20.58 -29.46
N LEU A 41 -19.72 21.65 -29.34
CA LEU A 41 -21.17 21.62 -29.25
C LEU A 41 -21.79 21.97 -30.61
N ASN B 1 -18.93 24.97 -31.12
CA ASN B 1 -18.21 25.94 -30.24
C ASN B 1 -18.02 25.42 -28.81
N ARG B 2 -17.46 26.27 -27.98
CA ARG B 2 -16.78 25.81 -26.78
C ARG B 2 -17.53 26.00 -25.46
N PHE B 3 -18.34 27.07 -25.41
CA PHE B 3 -18.98 27.48 -24.15
C PHE B 3 -20.46 27.16 -24.11
N TYR B 4 -20.87 26.46 -23.04
CA TYR B 4 -22.22 25.97 -22.88
C TYR B 4 -22.89 26.92 -21.90
N LEU B 5 -23.91 27.65 -22.37
CA LEU B 5 -24.82 28.44 -21.58
C LEU B 5 -25.86 27.54 -20.94
N LEU B 6 -26.46 28.07 -19.93
CA LEU B 6 -27.11 27.31 -18.91
C LEU B 6 -27.80 28.31 -18.05
N THR B 7 -29.06 28.19 -17.75
CA THR B 7 -29.78 29.18 -16.94
C THR B 7 -30.26 28.62 -15.60
N LEU B 8 -30.15 29.42 -14.57
CA LEU B 8 -30.69 29.05 -13.26
C LEU B 8 -31.63 30.14 -12.85
N THR B 9 -32.82 29.80 -12.34
CA THR B 9 -33.81 30.80 -11.91
C THR B 9 -34.26 30.59 -10.48
N SER B 10 -34.15 31.65 -9.69
CA SER B 10 -34.49 31.60 -8.25
C SER B 10 -36.00 31.56 -7.99
N ASN B 11 -36.37 31.32 -6.76
CA ASN B 11 -37.77 31.53 -6.29
C ASN B 11 -38.30 32.94 -6.42
N GLN B 12 -37.42 33.96 -6.41
CA GLN B 12 -37.86 35.35 -6.66
C GLN B 12 -37.92 35.67 -8.16
N ASP B 13 -37.80 34.65 -9.00
CA ASP B 13 -37.81 34.77 -10.48
C ASP B 13 -36.62 35.60 -11.01
N GLU B 14 -35.54 35.64 -10.26
CA GLU B 14 -34.34 36.32 -10.75
C GLU B 14 -33.53 35.20 -11.43
N SER B 15 -33.23 35.30 -12.74
CA SER B 15 -32.48 34.28 -13.41
C SER B 15 -31.12 34.79 -13.91
N ILE B 16 -30.17 33.88 -13.92
CA ILE B 16 -28.81 34.17 -14.39
C ILE B 16 -28.43 33.17 -15.46
N THR B 17 -27.51 33.56 -16.33
CA THR B 17 -26.95 32.68 -17.33
C THR B 17 -25.51 32.42 -16.99
N LEU B 18 -25.18 31.13 -16.86
CA LEU B 18 -23.86 30.70 -16.47
C LEU B 18 -23.20 30.03 -17.68
N ALA B 19 -21.94 30.40 -17.95
CA ALA B 19 -21.18 29.79 -19.05
C ALA B 19 -20.15 28.82 -18.52
N ILE B 20 -20.10 27.65 -19.18
CA ILE B 20 -19.27 26.52 -18.83
C ILE B 20 -18.35 26.27 -20.01
N ASP B 21 -17.06 26.12 -19.72
CA ASP B 21 -16.05 25.70 -20.69
C ASP B 21 -16.21 24.19 -20.90
N VAL B 22 -16.57 23.72 -22.07
CA VAL B 22 -16.74 22.29 -22.30
C VAL B 22 -15.43 21.50 -22.25
N GLU B 23 -14.31 22.19 -22.39
CA GLU B 23 -13.03 21.54 -22.35
C GLU B 23 -12.67 20.99 -20.94
N ASP B 24 -12.88 21.83 -19.92
CA ASP B 24 -12.55 21.48 -18.52
C ASP B 24 -13.83 21.17 -17.75
N MET B 25 -14.99 21.46 -18.30
CA MET B 25 -16.20 21.60 -17.51
C MET B 25 -16.06 22.44 -16.23
N VAL B 26 -15.69 23.69 -16.43
CA VAL B 26 -15.60 24.65 -15.31
C VAL B 26 -16.40 25.88 -15.68
N ALA B 27 -16.93 26.53 -14.66
CA ALA B 27 -17.65 27.78 -14.85
C ALA B 27 -16.65 28.88 -15.16
N VAL B 28 -16.92 29.68 -16.18
CA VAL B 28 -16.00 30.76 -16.57
C VAL B 28 -16.57 32.18 -16.36
N ALA B 29 -17.89 32.30 -16.51
CA ALA B 29 -18.51 33.61 -16.50
C ALA B 29 -20.00 33.51 -16.37
N TYR B 30 -20.64 34.63 -16.05
CA TYR B 30 -22.11 34.63 -15.96
C TYR B 30 -22.66 36.01 -16.13
N GLN B 31 -23.93 36.09 -16.47
CA GLN B 31 -24.67 37.34 -16.61
C GLN B 31 -26.03 37.24 -15.94
N PRO B 32 -26.40 38.19 -15.06
CA PRO B 32 -27.80 38.30 -14.66
C PRO B 32 -28.69 38.72 -15.85
N ALA B 33 -29.82 38.08 -16.01
CA ALA B 33 -30.76 38.43 -17.11
C ALA B 33 -31.18 39.90 -17.07
N GLY B 34 -31.22 40.52 -18.24
CA GLY B 34 -31.47 41.95 -18.42
C GLY B 34 -30.55 42.84 -17.63
N SER B 35 -29.25 42.59 -17.71
CA SER B 35 -28.25 43.44 -17.05
C SER B 35 -27.17 43.85 -18.07
N HIS B 36 -26.51 44.98 -17.81
CA HIS B 36 -25.43 45.52 -18.62
C HIS B 36 -24.07 45.03 -18.13
N GLU B 37 -24.03 44.26 -17.04
CA GLU B 37 -22.81 43.77 -16.51
C GLU B 37 -22.76 42.25 -16.70
N SER B 38 -21.54 41.74 -16.84
CA SER B 38 -21.24 40.33 -16.76
C SER B 38 -19.99 40.17 -15.92
N TYR B 39 -19.76 38.96 -15.44
CA TYR B 39 -18.69 38.72 -14.46
C TYR B 39 -17.90 37.50 -14.89
N PHE B 40 -16.60 37.65 -14.99
CA PHE B 40 -15.71 36.62 -15.47
C PHE B 40 -14.73 36.30 -14.35
N PHE B 41 -14.49 35.00 -14.16
CA PHE B 41 -13.42 34.50 -13.36
C PHE B 41 -12.08 34.98 -13.88
N LEU B 42 -11.15 35.20 -12.95
CA LEU B 42 -9.85 35.72 -13.25
C LEU B 42 -9.10 34.81 -14.23
N ASN B 43 -9.36 33.49 -14.16
CA ASN B 43 -8.67 32.57 -15.05
C ASN B 43 -9.57 32.10 -16.17
N ALA B 44 -10.64 32.82 -16.47
CA ALA B 44 -11.43 32.47 -17.65
C ALA B 44 -10.54 32.47 -18.88
N PRO B 45 -10.73 31.51 -19.78
CA PRO B 45 -10.04 31.55 -21.07
C PRO B 45 -10.22 32.83 -21.83
N GLN B 46 -9.25 33.20 -22.64
CA GLN B 46 -9.31 34.42 -23.47
C GLN B 46 -10.53 34.45 -24.39
N ILE B 47 -10.86 33.30 -24.96
CA ILE B 47 -11.96 33.16 -25.83
C ILE B 47 -13.30 33.46 -25.13
N ALA B 48 -13.37 33.21 -23.83
CA ALA B 48 -14.58 33.58 -23.06
C ALA B 48 -14.89 35.07 -23.20
N PHE B 49 -13.86 35.89 -22.96
CA PHE B 49 -14.04 37.36 -23.07
C PHE B 49 -14.37 37.78 -24.50
N HIS B 50 -13.77 37.09 -25.45
CA HIS B 50 -13.93 37.36 -26.86
C HIS B 50 -15.30 37.04 -27.40
N THR B 51 -15.92 35.97 -26.91
CA THR B 51 -17.17 35.50 -27.47
C THR B 51 -18.43 35.68 -26.57
N LEU B 52 -18.27 35.72 -25.26
CA LEU B 52 -19.44 35.70 -24.38
C LEU B 52 -19.81 37.09 -23.86
N PHE B 53 -21.09 37.43 -23.97
CA PHE B 53 -21.65 38.60 -23.34
C PHE B 53 -20.92 39.84 -23.81
N THR B 54 -20.51 39.86 -25.08
CA THR B 54 -19.98 41.05 -25.71
C THR B 54 -20.92 42.26 -25.77
N ASP B 55 -22.22 41.97 -25.75
CA ASP B 55 -23.32 42.89 -25.36
C ASP B 55 -22.98 43.74 -24.12
N THR B 56 -22.30 43.19 -23.11
CA THR B 56 -22.18 43.71 -21.79
C THR B 56 -20.76 44.18 -21.38
N HIS B 57 -20.77 44.93 -20.31
CA HIS B 57 -19.54 45.37 -19.69
C HIS B 57 -19.00 44.20 -18.90
N GLN B 58 -17.82 43.75 -19.26
CA GLN B 58 -17.25 42.50 -18.73
C GLN B 58 -16.39 42.78 -17.55
N ASN B 59 -16.86 42.47 -16.36
CA ASN B 59 -16.06 42.64 -15.15
C ASN B 59 -15.30 41.39 -14.81
N VAL B 60 -14.09 41.58 -14.30
CA VAL B 60 -13.19 40.48 -13.93
C VAL B 60 -13.15 40.38 -12.40
N LEU B 61 -13.41 39.19 -11.91
CA LEU B 61 -13.46 38.88 -10.48
C LEU B 61 -12.08 38.69 -9.83
N ASN B 62 -12.11 38.83 -8.53
CA ASN B 62 -10.94 38.78 -7.64
C ASN B 62 -10.45 37.41 -7.37
N PHE B 63 -11.00 36.37 -8.00
CA PHE B 63 -10.62 34.97 -7.71
C PHE B 63 -10.76 34.18 -9.00
N ASP B 64 -10.28 32.96 -8.98
CA ASP B 64 -10.42 32.08 -10.14
C ASP B 64 -11.30 30.90 -9.81
N ASN B 65 -11.58 30.06 -10.78
CA ASN B 65 -12.54 28.99 -10.64
C ASN B 65 -12.00 27.71 -10.04
N THR B 66 -10.76 27.68 -9.56
CA THR B 66 -10.27 26.56 -8.81
C THR B 66 -10.91 26.54 -7.42
N PHE B 67 -11.09 25.34 -6.87
CA PHE B 67 -11.71 25.22 -5.55
C PHE B 67 -10.91 25.90 -4.45
N LYS B 68 -9.59 25.79 -4.51
CA LYS B 68 -8.74 26.47 -3.56
C LYS B 68 -8.98 27.99 -3.55
N SER B 69 -9.05 28.57 -4.73
CA SER B 69 -9.22 30.02 -4.84
C SER B 69 -10.60 30.40 -4.29
N LEU B 70 -11.60 29.63 -4.67
CA LEU B 70 -12.95 29.88 -4.19
C LEU B 70 -13.08 29.75 -2.68
N GLU B 71 -12.45 28.71 -2.10
CA GLU B 71 -12.48 28.49 -0.65
C GLU B 71 -11.75 29.62 0.05
N ASN B 72 -10.60 29.97 -0.49
CA ASN B 72 -9.85 31.10 0.04
C ASN B 72 -10.67 32.40 0.09
N ALA B 73 -11.35 32.71 -1.00
CA ALA B 73 -12.17 33.90 -1.09
C ALA B 73 -13.44 33.81 -0.24
N ALA B 74 -14.02 32.63 -0.12
CA ALA B 74 -15.22 32.46 0.78
C ALA B 74 -14.85 32.46 2.26
N GLY B 75 -13.58 32.14 2.56
CA GLY B 75 -13.11 32.12 3.94
C GLY B 75 -13.43 30.81 4.65
N THR B 76 -13.60 29.77 3.87
CA THR B 76 -14.08 28.49 4.47
C THR B 76 -13.99 27.37 3.47
N THR B 77 -14.00 26.12 3.91
CA THR B 77 -13.89 24.94 3.04
C THR B 77 -15.25 24.40 2.60
N ARG B 78 -15.21 23.61 1.53
CA ARG B 78 -16.41 22.93 1.03
C ARG B 78 -17.04 21.99 2.08
N GLN B 79 -16.21 21.53 3.04
CA GLN B 79 -16.57 20.64 4.12
C GLN B 79 -17.43 21.36 5.22
N THR B 80 -17.66 22.65 5.05
CA THR B 80 -18.49 23.35 5.98
C THR B 80 -19.55 24.18 5.33
N ILE B 81 -19.66 24.09 4.00
CA ILE B 81 -20.60 24.95 3.26
C ILE B 81 -21.82 24.14 2.89
N VAL B 82 -22.99 24.65 3.31
CA VAL B 82 -24.23 23.91 3.27
C VAL B 82 -24.75 23.88 1.84
N LEU B 83 -25.24 22.73 1.40
CA LEU B 83 -25.89 22.58 0.11
C LEU B 83 -27.33 22.15 0.30
N GLY B 84 -28.13 22.38 -0.73
CA GLY B 84 -29.55 22.06 -0.71
C GLY B 84 -30.38 23.05 -1.48
N VAL B 85 -31.69 22.95 -1.30
CA VAL B 85 -32.61 23.80 -2.05
C VAL B 85 -32.50 25.27 -1.70
N ASP B 86 -32.56 25.61 -0.41
CA ASP B 86 -32.46 26.97 0.04
C ASP B 86 -31.07 27.56 -0.14
N PRO B 87 -30.01 26.78 0.11
CA PRO B 87 -28.69 27.27 -0.27
C PRO B 87 -28.55 27.66 -1.77
N LEU B 88 -29.07 26.82 -2.66
CA LEU B 88 -29.04 27.10 -4.08
C LEU B 88 -29.82 28.38 -4.41
N ASP B 89 -30.98 28.56 -3.78
CA ASP B 89 -31.82 29.72 -4.00
C ASP B 89 -31.07 31.00 -3.60
N PHE B 90 -30.49 30.96 -2.37
CA PHE B 90 -29.69 32.01 -1.86
C PHE B 90 -28.51 32.32 -2.78
N ALA B 91 -27.86 31.28 -3.28
CA ALA B 91 -26.68 31.42 -4.18
C ALA B 91 -27.05 32.07 -5.49
N ILE B 92 -28.15 31.64 -6.08
CA ILE B 92 -28.57 32.24 -7.37
C ILE B 92 -28.86 33.72 -7.17
N SER B 93 -29.59 34.02 -6.07
CA SER B 93 -29.90 35.41 -5.69
C SER B 93 -28.68 36.31 -5.58
N ASN B 94 -27.65 35.80 -4.92
CA ASN B 94 -26.45 36.53 -4.62
C ASN B 94 -25.57 36.75 -5.84
N LEU B 95 -25.66 35.85 -6.81
CA LEU B 95 -25.03 36.05 -8.12
C LEU B 95 -25.82 37.08 -8.90
N PHE B 96 -27.15 36.96 -8.89
CA PHE B 96 -28.02 37.89 -9.61
C PHE B 96 -27.81 39.34 -9.19
N ASN B 97 -27.77 39.58 -7.89
CA ASN B 97 -27.58 40.92 -7.34
C ASN B 97 -26.11 41.27 -7.20
N ALA B 98 -25.23 40.31 -7.54
CA ALA B 98 -23.79 40.63 -7.59
C ALA B 98 -23.22 41.09 -6.25
N ASP B 99 -23.67 40.40 -5.19
CA ASP B 99 -23.26 40.74 -3.83
C ASP B 99 -21.85 40.31 -3.53
N PRO B 100 -20.90 41.26 -3.46
CA PRO B 100 -19.49 40.92 -3.50
C PRO B 100 -19.03 40.06 -2.31
N LYS B 101 -19.71 40.25 -1.18
CA LYS B 101 -19.39 39.45 0.05
C LYS B 101 -19.55 37.95 -0.21
N LEU B 102 -20.72 37.58 -0.79
CA LEU B 102 -21.13 36.18 -0.89
C LEU B 102 -20.95 35.48 -2.25
N LEU B 103 -20.22 36.11 -3.17
CA LEU B 103 -19.98 35.57 -4.49
C LEU B 103 -19.23 34.21 -4.42
N PRO B 104 -18.12 34.15 -3.67
CA PRO B 104 -17.34 32.91 -3.75
C PRO B 104 -18.09 31.71 -3.14
N LEU B 105 -18.71 31.94 -1.98
CA LEU B 105 -19.60 30.96 -1.39
C LEU B 105 -20.69 30.52 -2.34
N SER B 106 -21.35 31.47 -3.00
CA SER B 106 -22.47 31.17 -3.88
C SER B 106 -22.00 30.31 -5.05
N PHE B 107 -20.82 30.63 -5.60
CA PHE B 107 -20.24 29.80 -6.67
C PHE B 107 -19.96 28.36 -6.21
N LEU B 108 -19.41 28.20 -5.02
CA LEU B 108 -19.15 26.88 -4.46
C LEU B 108 -20.41 26.01 -4.41
N VAL B 109 -21.52 26.62 -3.98
CA VAL B 109 -22.80 25.95 -3.92
C VAL B 109 -23.26 25.53 -5.30
N ILE B 110 -23.26 26.47 -6.25
CA ILE B 110 -23.79 26.24 -7.57
C ILE B 110 -22.94 25.23 -8.33
N ILE B 111 -21.64 25.40 -8.29
CA ILE B 111 -20.72 24.50 -8.97
C ILE B 111 -20.91 23.08 -8.47
N GLN B 112 -20.96 22.88 -7.17
CA GLN B 112 -21.13 21.52 -6.63
C GLN B 112 -22.48 20.92 -7.01
N MET B 113 -23.55 21.69 -6.87
CA MET B 113 -24.89 21.18 -7.09
C MET B 113 -25.24 21.02 -8.56
N VAL B 114 -24.47 21.63 -9.47
CA VAL B 114 -24.73 21.49 -10.90
C VAL B 114 -23.61 20.73 -11.62
N LEU B 115 -22.39 21.23 -11.53
CA LEU B 115 -21.30 20.65 -12.32
C LEU B 115 -20.76 19.38 -11.69
N GLU B 116 -20.54 19.40 -10.39
CA GLU B 116 -19.99 18.21 -9.72
C GLU B 116 -21.02 17.06 -9.64
N ALA B 117 -22.26 17.44 -9.48
CA ALA B 117 -23.42 16.54 -9.57
C ALA B 117 -23.54 15.90 -10.95
N SER B 118 -23.23 16.68 -11.98
CA SER B 118 -23.31 16.13 -13.34
C SER B 118 -22.19 15.12 -13.58
N LYS B 119 -21.06 15.30 -12.90
CA LYS B 119 -19.90 14.42 -13.09
C LYS B 119 -20.07 13.09 -12.38
N PHE B 120 -20.65 13.14 -11.19
CA PHE B 120 -20.81 11.96 -10.33
C PHE B 120 -22.22 11.65 -9.88
N ARG B 121 -22.61 10.39 -9.98
CA ARG B 121 -23.92 9.96 -9.54
C ARG B 121 -24.07 10.11 -8.03
N PHE B 122 -23.01 9.79 -7.30
CA PHE B 122 -23.08 9.92 -5.84
C PHE B 122 -23.43 11.33 -5.39
N ILE B 123 -22.94 12.33 -6.11
CA ILE B 123 -23.21 13.72 -5.75
C ILE B 123 -24.59 14.11 -6.22
N GLU B 124 -24.95 13.72 -7.43
CA GLU B 124 -26.31 13.89 -7.90
C GLU B 124 -27.32 13.37 -6.88
N GLN B 125 -27.10 12.14 -6.40
CA GLN B 125 -28.04 11.50 -5.46
C GLN B 125 -28.04 12.20 -4.12
N SER B 126 -26.90 12.61 -3.62
CA SER B 126 -26.87 13.42 -2.40
C SER B 126 -27.72 14.69 -2.54
N VAL B 127 -27.57 15.38 -3.67
CA VAL B 127 -28.33 16.60 -3.89
C VAL B 127 -29.84 16.29 -4.02
N ALA B 128 -30.18 15.26 -4.77
CA ALA B 128 -31.58 14.87 -4.97
C ALA B 128 -32.32 14.62 -3.67
N TYR B 129 -31.63 13.99 -2.70
CA TYR B 129 -32.18 13.81 -1.35
C TYR B 129 -32.56 15.12 -0.67
N SER B 130 -31.74 16.14 -0.88
CA SER B 130 -31.93 17.46 -0.25
C SER B 130 -33.14 18.10 -0.85
N PHE B 131 -33.41 17.86 -2.13
CA PHE B 131 -34.64 18.32 -2.78
C PHE B 131 -35.90 17.60 -2.23
N LYS B 132 -35.86 16.28 -2.16
CA LYS B 132 -37.01 15.45 -1.87
C LYS B 132 -37.43 15.62 -0.44
N ASN B 133 -36.45 15.46 0.44
CA ASN B 133 -36.63 15.63 1.88
C ASN B 133 -36.62 17.11 2.36
N GLU B 134 -36.34 18.08 1.47
CA GLU B 134 -36.18 19.48 1.86
C GLU B 134 -35.28 19.59 3.09
N LYS B 135 -34.08 19.02 2.98
CA LYS B 135 -33.11 18.98 4.06
C LYS B 135 -31.70 19.15 3.50
N THR B 136 -31.05 20.22 3.98
CA THR B 136 -29.71 20.57 3.63
C THR B 136 -28.65 19.57 4.20
N PHE B 137 -27.50 19.52 3.55
CA PHE B 137 -26.36 18.70 4.01
C PHE B 137 -25.04 19.44 3.82
N LEU B 138 -24.02 19.00 4.54
CA LEU B 138 -22.65 19.48 4.33
C LEU B 138 -21.83 18.33 3.78
N PRO B 139 -21.13 18.54 2.65
CA PRO B 139 -20.23 17.52 2.12
C PRO B 139 -19.10 17.16 3.06
N ASP B 140 -18.80 15.89 3.12
CA ASP B 140 -17.63 15.40 3.85
C ASP B 140 -16.68 14.77 2.84
N LEU B 141 -15.81 13.83 3.25
CA LEU B 141 -14.75 13.35 2.38
C LEU B 141 -15.27 12.55 1.19
N ALA B 142 -16.44 11.96 1.28
CA ALA B 142 -16.92 11.19 0.18
C ALA B 142 -17.14 12.04 -1.06
N ILE B 143 -17.83 13.14 -0.85
CA ILE B 143 -18.10 14.15 -1.91
C ILE B 143 -16.79 14.86 -2.28
N VAL B 144 -16.08 15.38 -1.33
CA VAL B 144 -14.89 16.18 -1.57
C VAL B 144 -13.80 15.43 -2.33
N SER B 145 -13.60 14.17 -1.99
CA SER B 145 -12.56 13.34 -2.66
C SER B 145 -12.93 13.04 -4.10
N LEU B 146 -14.21 12.94 -4.41
CA LEU B 146 -14.65 12.81 -5.80
C LEU B 146 -14.36 14.11 -6.56
N GLU B 147 -14.70 15.25 -5.98
CA GLU B 147 -14.50 16.54 -6.65
C GLU B 147 -13.03 16.76 -6.96
N ASP B 148 -12.20 16.55 -5.96
CA ASP B 148 -10.76 16.78 -6.07
C ASP B 148 -10.04 15.82 -7.00
N ASN B 149 -10.60 14.62 -7.21
CA ASN B 149 -9.92 13.57 -8.03
C ASN B 149 -10.52 13.33 -9.38
N TRP B 150 -11.50 14.13 -9.82
CA TRP B 150 -12.17 13.92 -11.11
C TRP B 150 -11.22 13.86 -12.31
N SER B 151 -10.32 14.85 -12.38
CA SER B 151 -9.34 14.90 -13.44
C SER B 151 -8.44 13.68 -13.43
N GLU B 152 -7.93 13.32 -12.25
CA GLU B 152 -7.09 12.17 -12.07
C GLU B 152 -7.79 10.86 -12.38
N ILE B 153 -9.02 10.72 -11.94
CA ILE B 153 -9.87 9.52 -12.27
C ILE B 153 -10.08 9.43 -13.73
N SER B 154 -10.43 10.54 -14.39
CA SER B 154 -10.56 10.51 -15.84
C SER B 154 -9.27 10.02 -16.51
N LEU B 155 -8.12 10.54 -16.07
CA LEU B 155 -6.82 10.11 -16.64
C LEU B 155 -6.62 8.63 -16.44
N GLN B 156 -6.87 8.13 -15.24
CA GLN B 156 -6.64 6.71 -14.95
C GLN B 156 -7.58 5.81 -15.74
N ILE B 157 -8.78 6.22 -15.94
CA ILE B 157 -9.71 5.49 -16.83
C ILE B 157 -9.17 5.36 -18.24
N GLN B 158 -8.69 6.44 -18.80
CA GLN B 158 -8.08 6.36 -20.14
C GLN B 158 -6.83 5.53 -20.15
N ALA B 159 -6.00 5.69 -19.12
CA ALA B 159 -4.78 4.94 -18.98
C ALA B 159 -5.06 3.43 -18.88
N SER B 160 -6.14 3.10 -18.19
CA SER B 160 -6.51 1.71 -17.94
C SER B 160 -6.83 0.89 -19.16
N THR B 161 -7.11 1.55 -20.28
CA THR B 161 -7.38 0.84 -21.52
C THR B 161 -6.16 0.08 -22.07
N SER B 162 -4.98 0.49 -21.64
CA SER B 162 -3.69 -0.07 -22.07
C SER B 162 -3.28 -1.25 -21.23
N LEU B 163 -3.91 -1.50 -20.08
CA LEU B 163 -3.54 -2.64 -19.25
C LEU B 163 -4.69 -3.25 -18.49
N GLN B 164 -5.69 -3.80 -19.19
CA GLN B 164 -6.71 -4.67 -18.59
C GLN B 164 -7.55 -4.02 -17.49
N GLY B 165 -7.75 -2.72 -17.60
CA GLY B 165 -8.61 -1.96 -16.65
C GLY B 165 -7.91 -1.59 -15.37
N LEU B 166 -6.61 -1.78 -15.32
CA LEU B 166 -5.83 -1.36 -14.17
C LEU B 166 -5.31 0.07 -14.35
N PHE B 167 -5.35 0.82 -13.27
CA PHE B 167 -4.92 2.20 -13.23
C PHE B 167 -3.40 2.27 -13.21
N GLY B 168 -2.85 3.39 -13.65
CA GLY B 168 -1.43 3.69 -13.57
C GLY B 168 -1.07 4.18 -12.18
N SER B 169 -2.06 4.70 -11.47
CA SER B 169 -1.87 5.27 -10.19
C SER B 169 -3.05 5.04 -9.24
N VAL B 170 -2.79 5.00 -7.96
CA VAL B 170 -3.85 4.87 -6.95
C VAL B 170 -4.60 6.17 -6.74
N VAL B 171 -5.94 6.12 -6.71
CA VAL B 171 -6.77 7.24 -6.32
C VAL B 171 -7.35 6.97 -4.92
N GLU B 172 -7.30 7.95 -4.02
CA GLU B 172 -7.76 7.79 -2.66
C GLU B 172 -9.15 8.42 -2.50
N LEU B 173 -10.17 7.58 -2.37
CA LEU B 173 -11.53 8.07 -2.20
C LEU B 173 -12.06 7.65 -0.82
N TYR B 174 -13.14 8.26 -0.41
CA TYR B 174 -13.70 7.95 0.89
C TYR B 174 -15.14 7.55 0.78
N ASN B 175 -15.59 6.69 1.69
CA ASN B 175 -17.02 6.37 1.83
C ASN B 175 -17.66 7.30 2.83
N SER B 176 -18.95 7.06 3.08
CA SER B 176 -19.80 8.00 3.86
C SER B 176 -19.40 8.04 5.35
N ASN B 177 -18.68 7.02 5.80
CA ASN B 177 -18.17 7.03 7.18
C ASN B 177 -16.71 7.45 7.24
N ASN B 178 -16.23 8.13 6.20
CA ASN B 178 -14.86 8.60 6.10
C ASN B 178 -13.80 7.48 6.14
N GLU B 179 -14.14 6.30 5.68
CA GLU B 179 -13.15 5.24 5.55
C GLU B 179 -12.49 5.35 4.19
N LEU B 180 -11.19 5.18 4.14
CA LEU B 180 -10.41 5.27 2.92
C LEU B 180 -10.66 4.06 2.04
N ILE B 181 -10.84 4.28 0.72
CA ILE B 181 -10.89 3.23 -0.27
C ILE B 181 -9.89 3.58 -1.36
N GLU B 182 -8.76 2.89 -1.38
CA GLU B 182 -7.73 3.10 -2.40
C GLU B 182 -8.11 2.31 -3.65
N VAL B 183 -8.36 3.01 -4.74
CA VAL B 183 -8.83 2.41 -5.97
C VAL B 183 -7.69 2.43 -6.99
N ASP B 184 -7.43 1.27 -7.59
CA ASP B 184 -6.34 1.15 -8.57
C ASP B 184 -6.81 0.41 -9.81
N SER B 185 -8.09 0.49 -10.12
CA SER B 185 -8.67 -0.22 -11.28
C SER B 185 -10.04 0.30 -11.57
N ILE B 186 -10.57 -0.03 -12.74
CA ILE B 186 -11.95 0.29 -13.09
C ILE B 186 -12.98 -0.66 -12.43
N TYR B 187 -12.54 -1.71 -11.78
CA TYR B 187 -13.43 -2.79 -11.35
C TYR B 187 -13.98 -2.46 -9.95
N TYR B 188 -14.37 -1.22 -9.76
CA TYR B 188 -15.05 -0.79 -8.56
C TYR B 188 -16.28 0.03 -8.96
N PRO B 189 -17.45 -0.28 -8.39
CA PRO B 189 -18.62 0.48 -8.81
C PRO B 189 -18.54 1.95 -8.45
N ILE B 190 -17.75 2.28 -7.42
CA ILE B 190 -17.55 3.68 -7.05
C ILE B 190 -16.80 4.48 -8.11
N ILE B 191 -16.22 3.80 -9.10
CA ILE B 191 -15.74 4.47 -10.26
C ILE B 191 -16.66 4.29 -11.44
N LEU B 192 -16.84 3.05 -11.85
CA LEU B 192 -17.52 2.74 -13.10
C LEU B 192 -18.99 3.13 -13.12
N ALA B 193 -19.70 2.99 -12.00
CA ALA B 193 -21.10 3.35 -11.91
C ALA B 193 -21.34 4.78 -11.38
N ASN B 194 -20.25 5.46 -11.08
CA ASN B 194 -20.33 6.76 -10.40
C ASN B 194 -20.04 7.89 -11.40
N VAL B 195 -18.90 7.77 -12.07
CA VAL B 195 -18.41 8.78 -13.01
C VAL B 195 -19.26 8.84 -14.29
N ALA B 196 -20.01 9.93 -14.46
CA ALA B 196 -20.94 10.08 -15.54
C ALA B 196 -20.38 10.88 -16.69
N LEU B 197 -19.38 11.74 -16.44
CA LEU B 197 -18.63 12.41 -17.45
C LEU B 197 -17.17 12.38 -17.13
N GLN B 198 -16.31 12.22 -18.13
CA GLN B 198 -14.86 12.20 -17.88
C GLN B 198 -14.14 13.26 -18.73
N LEU B 199 -13.14 13.85 -18.10
CA LEU B 199 -12.22 14.77 -18.76
C LEU B 199 -11.36 14.05 -19.79
N TYR B 200 -11.29 14.61 -20.99
CA TYR B 200 -10.37 14.11 -22.03
C TYR B 200 -8.89 14.32 -21.68
N HIS B 201 -8.10 13.26 -21.74
CA HIS B 201 -6.65 13.38 -21.60
C HIS B 201 -5.95 12.84 -22.85
N CYS B 202 -6.36 11.62 -23.22
CA CYS B 202 -5.69 10.86 -24.29
C CYS B 202 -6.66 10.14 -25.22
N GLN B 203 -6.17 9.91 -26.45
CA GLN B 203 -6.93 9.28 -27.52
C GLN B 203 -6.80 7.75 -27.41
N VAL B 204 -7.78 7.17 -26.73
CA VAL B 204 -7.78 5.71 -26.42
C VAL B 204 -9.12 5.05 -26.79
N SER B 205 -9.29 3.74 -26.56
CA SER B 205 -10.54 3.00 -26.91
C SER B 205 -10.77 1.63 -26.17
N THR B 206 -12.04 1.22 -26.01
CA THR B 206 -12.41 -0.10 -25.42
C THR B 206 -13.17 -1.07 -26.36
N ASN C 1 2.43 11.08 -15.16
CA ASN C 1 1.02 10.77 -15.56
C ASN C 1 0.91 10.56 -17.06
N GLU C 2 0.56 9.35 -17.47
CA GLU C 2 0.73 8.90 -18.85
C GLU C 2 -0.31 7.84 -19.16
N CYS C 3 -0.73 7.76 -20.42
CA CYS C 3 -1.87 6.95 -20.75
C CYS C 3 -1.48 5.57 -21.18
N LEU C 4 -0.18 5.27 -21.04
CA LEU C 4 0.28 3.89 -21.21
C LEU C 4 0.84 3.41 -19.89
N VAL C 5 0.32 2.26 -19.39
CA VAL C 5 0.75 1.64 -18.20
C VAL C 5 1.38 0.32 -18.64
N GLU C 6 2.60 0.10 -18.18
CA GLU C 6 3.38 -1.05 -18.65
C GLU C 6 3.14 -2.31 -17.83
N THR C 7 3.43 -2.21 -16.52
CA THR C 7 3.10 -3.26 -15.56
C THR C 7 2.46 -2.68 -14.27
N ARG C 8 1.60 -3.50 -13.67
CA ARG C 8 0.96 -3.15 -12.40
C ARG C 8 0.80 -4.31 -11.46
N THR C 9 1.20 -4.13 -10.18
CA THR C 9 1.09 -5.15 -9.16
C THR C 9 -0.13 -4.88 -8.33
N THR C 10 -1.08 -5.82 -8.29
CA THR C 10 -2.32 -5.67 -7.52
C THR C 10 -2.76 -7.00 -6.84
N ARG C 11 -3.99 -7.11 -6.37
CA ARG C 11 -4.54 -8.38 -5.91
C ARG C 11 -5.74 -8.78 -6.77
N ILE C 12 -6.11 -10.05 -6.69
CA ILE C 12 -7.31 -10.54 -7.33
C ILE C 12 -8.15 -11.19 -6.27
N SER C 13 -9.34 -10.68 -6.06
CA SER C 13 -10.30 -11.28 -5.08
C SER C 13 -11.56 -11.81 -5.85
N GLY C 14 -11.99 -12.99 -5.49
CA GLY C 14 -13.11 -13.66 -6.06
C GLY C 14 -14.27 -14.00 -5.16
N ARG C 15 -14.65 -15.28 -5.15
CA ARG C 15 -15.70 -15.80 -4.29
C ARG C 15 -15.52 -15.61 -2.79
N ASP C 16 -16.64 -15.31 -2.15
CA ASP C 16 -16.68 -15.03 -0.69
C ASP C 16 -15.53 -14.13 -0.23
N ALA C 17 -15.22 -13.15 -1.06
CA ALA C 17 -14.20 -12.10 -0.80
C ALA C 17 -12.83 -12.70 -0.48
N LEU C 18 -12.56 -13.87 -1.04
CA LEU C 18 -11.24 -14.46 -0.80
C LEU C 18 -10.36 -14.14 -1.97
N CYS C 19 -9.05 -14.31 -1.78
CA CYS C 19 -8.04 -13.92 -2.77
C CYS C 19 -7.40 -15.10 -3.50
N VAL C 20 -6.90 -14.81 -4.67
CA VAL C 20 -6.15 -15.74 -5.51
C VAL C 20 -4.73 -15.81 -5.02
N ASP C 21 -4.31 -17.04 -4.62
CA ASP C 21 -3.17 -17.31 -3.75
C ASP C 21 -2.41 -18.49 -4.37
N VAL C 22 -1.12 -18.31 -4.61
CA VAL C 22 -0.29 -19.39 -5.14
C VAL C 22 0.05 -20.35 -3.99
N ALA C 23 -0.40 -21.61 -4.10
CA ALA C 23 -0.49 -22.48 -2.89
C ALA C 23 0.83 -22.62 -2.12
N GLY C 24 0.77 -22.22 -0.86
CA GLY C 24 1.96 -22.22 0.04
C GLY C 24 3.21 -21.51 -0.47
N ALA C 25 3.01 -20.50 -1.31
CA ALA C 25 4.06 -19.66 -1.88
C ALA C 25 5.06 -20.49 -2.71
N LEU C 26 4.60 -21.59 -3.31
CA LEU C 26 5.51 -22.46 -4.06
C LEU C 26 5.95 -21.85 -5.39
N THR C 27 7.24 -22.01 -5.72
CA THR C 27 7.87 -21.38 -6.87
C THR C 27 8.03 -22.33 -8.09
N SER C 28 7.74 -23.61 -7.89
CA SER C 28 7.91 -24.62 -8.92
C SER C 28 6.98 -24.50 -10.11
N ASP C 29 7.46 -24.91 -11.28
CA ASP C 29 6.62 -24.95 -12.50
C ASP C 29 5.52 -25.93 -12.21
N GLY C 30 4.27 -25.55 -12.48
CA GLY C 30 3.12 -26.39 -12.09
C GLY C 30 2.62 -26.19 -10.67
N SER C 31 3.17 -25.27 -9.86
CA SER C 31 2.58 -24.94 -8.57
C SER C 31 1.14 -24.38 -8.70
N ARG C 32 0.19 -25.06 -8.08
CA ARG C 32 -1.22 -24.74 -8.25
C ARG C 32 -1.66 -23.59 -7.33
N LEU C 33 -2.72 -22.89 -7.74
CA LEU C 33 -3.21 -21.70 -7.04
C LEU C 33 -4.65 -21.96 -6.50
N ILE C 34 -4.86 -21.39 -5.33
CA ILE C 34 -6.06 -21.60 -4.57
C ILE C 34 -6.70 -20.35 -4.05
N LEU C 35 -7.95 -20.42 -3.60
CA LEU C 35 -8.62 -19.30 -2.95
C LEU C 35 -8.19 -19.30 -1.49
N TYR C 36 -7.88 -18.14 -0.91
CA TYR C 36 -7.34 -18.10 0.44
C TYR C 36 -7.59 -16.72 1.06
N PRO C 37 -7.75 -16.64 2.39
CA PRO C 37 -7.96 -15.30 2.99
C PRO C 37 -6.85 -14.30 2.58
N CYS C 38 -7.30 -13.11 2.22
CA CYS C 38 -6.49 -12.05 1.67
C CYS C 38 -5.52 -11.50 2.69
N GLY C 39 -4.32 -11.21 2.24
CA GLY C 39 -3.27 -10.61 3.05
C GLY C 39 -2.24 -9.99 2.16
N GLN C 40 -1.15 -9.50 2.77
CA GLN C 40 -0.08 -8.81 2.04
C GLN C 40 1.02 -9.72 1.49
N GLN C 41 0.84 -11.02 1.60
CA GLN C 41 1.78 -12.05 1.20
C GLN C 41 2.17 -11.96 -0.26
N VAL C 42 3.43 -12.19 -0.57
CA VAL C 42 3.90 -12.07 -1.97
C VAL C 42 3.20 -12.95 -3.00
N ASN C 43 2.78 -14.13 -2.56
CA ASN C 43 2.05 -15.12 -3.37
C ASN C 43 0.59 -14.74 -3.61
N GLN C 44 0.11 -13.63 -2.99
CA GLN C 44 -1.18 -13.04 -3.35
C GLN C 44 -1.12 -11.78 -4.24
N LYS C 45 0.10 -11.29 -4.44
CA LYS C 45 0.44 -10.23 -5.37
C LYS C 45 0.51 -10.71 -6.80
N TRP C 46 -0.32 -10.10 -7.67
CA TRP C 46 -0.37 -10.43 -9.07
C TRP C 46 0.00 -9.24 -9.93
N THR C 47 0.99 -9.44 -10.82
CA THR C 47 1.50 -8.42 -11.66
C THR C 47 1.03 -8.65 -13.07
N PHE C 48 0.31 -7.66 -13.63
CA PHE C 48 -0.15 -7.70 -15.02
C PHE C 48 0.79 -6.94 -15.92
N HIS C 49 1.21 -7.56 -17.03
CA HIS C 49 2.22 -7.06 -17.96
C HIS C 49 1.57 -6.74 -19.29
N SER C 50 2.19 -5.82 -20.07
CA SER C 50 1.50 -5.33 -21.28
C SER C 50 1.34 -6.44 -22.35
N ASP C 51 2.24 -7.44 -22.30
CA ASP C 51 2.14 -8.65 -23.11
C ASP C 51 0.92 -9.54 -22.89
N GLY C 52 0.23 -9.38 -21.78
CA GLY C 52 -1.02 -10.03 -21.55
C GLY C 52 -0.93 -11.11 -20.50
N THR C 53 0.26 -11.27 -19.88
CA THR C 53 0.51 -12.21 -18.86
C THR C 53 0.20 -11.67 -17.49
N VAL C 54 -0.12 -12.55 -16.57
CA VAL C 54 -0.48 -12.20 -15.21
C VAL C 54 0.39 -13.06 -14.30
N ARG C 55 1.19 -12.49 -13.41
CA ARG C 55 2.30 -13.18 -12.81
C ARG C 55 2.38 -12.99 -11.31
N SER C 56 2.80 -14.08 -10.65
CA SER C 56 3.25 -14.00 -9.26
C SER C 56 4.54 -14.71 -9.12
N LEU C 57 5.35 -14.30 -8.14
CA LEU C 57 6.69 -14.92 -7.88
C LEU C 57 7.50 -15.03 -9.20
N GLY C 58 7.30 -14.06 -10.09
CA GLY C 58 8.09 -13.98 -11.31
C GLY C 58 7.71 -14.99 -12.36
N LYS C 59 6.64 -15.74 -12.16
CA LYS C 59 6.15 -16.77 -13.06
C LYS C 59 4.73 -16.40 -13.54
N CYS C 60 4.30 -17.03 -14.63
CA CYS C 60 3.05 -16.72 -15.27
C CYS C 60 1.88 -17.68 -14.97
N LEU C 61 0.74 -17.15 -14.59
CA LEU C 61 -0.54 -17.85 -14.61
C LEU C 61 -0.86 -18.52 -15.95
N ALA C 62 -1.34 -19.76 -15.90
CA ALA C 62 -1.40 -20.62 -17.09
C ALA C 62 -2.45 -21.70 -17.00
N THR C 63 -2.94 -22.11 -18.18
CA THR C 63 -3.91 -23.16 -18.35
C THR C 63 -3.60 -23.91 -19.67
N ASN C 64 -3.61 -25.20 -19.57
CA ASN C 64 -3.40 -26.10 -20.75
C ASN C 64 -4.07 -27.41 -20.46
N ASN C 65 -4.97 -27.80 -21.36
CA ASN C 65 -5.78 -29.02 -21.12
C ASN C 65 -4.91 -30.28 -21.26
N SER C 66 -4.03 -30.31 -22.28
CA SER C 66 -3.11 -31.38 -22.48
C SER C 66 -2.18 -31.60 -21.31
N LYS C 67 -1.62 -30.54 -20.71
CA LYS C 67 -0.64 -30.63 -19.65
C LYS C 67 -1.17 -30.63 -18.22
N PHE C 68 -2.17 -29.80 -17.93
CA PHE C 68 -2.69 -29.67 -16.56
C PHE C 68 -4.16 -30.09 -16.41
N GLY C 69 -4.74 -30.48 -17.53
CA GLY C 69 -6.23 -30.70 -17.56
C GLY C 69 -7.02 -29.43 -17.25
N ASN C 70 -7.87 -29.54 -16.23
CA ASN C 70 -8.85 -28.51 -15.85
C ASN C 70 -8.26 -27.41 -14.89
N LEU C 71 -7.06 -27.70 -14.39
CA LEU C 71 -6.49 -26.93 -13.26
C LEU C 71 -5.59 -25.79 -13.75
N VAL C 72 -5.68 -24.65 -13.03
CA VAL C 72 -4.99 -23.43 -13.33
C VAL C 72 -3.73 -23.30 -12.45
N VAL C 73 -2.66 -22.91 -13.06
CA VAL C 73 -1.32 -23.10 -12.45
C VAL C 73 -0.39 -22.04 -12.87
N ILE C 74 0.69 -21.84 -12.11
CA ILE C 74 1.80 -20.97 -12.51
C ILE C 74 2.91 -21.77 -13.19
N TYR C 75 3.48 -21.16 -14.21
CA TYR C 75 4.49 -21.81 -15.08
C TYR C 75 5.35 -20.79 -15.77
N ASP C 76 6.56 -21.21 -16.20
CA ASP C 76 7.56 -20.33 -16.77
C ASP C 76 7.15 -19.73 -18.08
N CYS C 77 7.31 -18.41 -18.16
CA CYS C 77 6.86 -17.67 -19.39
C CYS C 77 7.71 -18.05 -20.61
N SER C 78 9.00 -18.30 -20.40
CA SER C 78 9.89 -18.79 -21.46
C SER C 78 9.56 -20.20 -22.01
N LYS C 79 9.31 -21.13 -21.09
CA LYS C 79 8.92 -22.50 -21.43
C LYS C 79 7.53 -22.76 -22.05
N LEU C 80 6.50 -22.16 -21.45
CA LEU C 80 5.11 -22.33 -21.89
C LEU C 80 4.72 -21.62 -23.20
N ALA C 81 3.73 -22.18 -23.89
CA ALA C 81 3.24 -21.57 -25.14
C ALA C 81 2.55 -20.24 -24.92
N ALA C 82 2.83 -19.29 -25.79
CA ALA C 82 2.26 -17.96 -25.69
C ALA C 82 0.76 -17.99 -25.63
N GLU C 83 0.11 -18.99 -26.24
CA GLU C 83 -1.35 -19.14 -26.13
C GLU C 83 -1.87 -19.33 -24.68
N ASP C 84 -1.07 -20.00 -23.84
CA ASP C 84 -1.56 -20.57 -22.59
C ASP C 84 -1.39 -19.67 -21.39
N ILE C 85 -0.68 -18.56 -21.58
CA ILE C 85 -0.37 -17.61 -20.47
C ILE C 85 -0.93 -16.20 -20.71
N SER C 86 -1.67 -16.04 -21.80
CA SER C 86 -2.28 -14.73 -22.12
C SER C 86 -3.66 -14.66 -21.48
N TRP C 87 -4.05 -13.49 -20.90
CA TRP C 87 -5.28 -13.38 -20.16
C TRP C 87 -6.07 -12.09 -20.46
N ASP C 88 -7.34 -12.13 -20.20
CA ASP C 88 -8.21 -10.98 -20.43
C ASP C 88 -9.12 -10.77 -19.20
N VAL C 89 -9.23 -9.57 -18.72
CA VAL C 89 -10.18 -9.23 -17.65
C VAL C 89 -11.28 -8.34 -18.23
N SER C 90 -12.53 -8.68 -17.93
CA SER C 90 -13.70 -7.93 -18.45
C SER C 90 -14.34 -7.16 -17.31
N VAL C 91 -15.06 -6.09 -17.64
CA VAL C 91 -15.69 -5.25 -16.64
C VAL C 91 -16.66 -6.01 -15.74
N GLY C 92 -17.32 -7.02 -16.30
CA GLY C 92 -18.25 -7.88 -15.59
C GLY C 92 -17.62 -8.90 -14.65
N GLY C 93 -16.30 -8.95 -14.57
CA GLY C 93 -15.59 -9.75 -13.56
C GLY C 93 -15.11 -11.10 -14.09
N THR C 94 -15.21 -11.32 -15.40
CA THR C 94 -14.76 -12.56 -15.99
C THR C 94 -13.26 -12.47 -16.32
N ILE C 95 -12.50 -13.45 -15.81
CA ILE C 95 -11.11 -13.65 -16.17
C ILE C 95 -11.04 -14.87 -17.10
N MET C 96 -10.47 -14.69 -18.27
CA MET C 96 -10.38 -15.78 -19.21
C MET C 96 -9.25 -15.65 -20.21
N ASN C 97 -8.85 -16.78 -20.81
CA ASN C 97 -7.89 -16.87 -21.88
C ASN C 97 -8.61 -16.74 -23.23
N PRO C 98 -8.24 -15.76 -24.03
CA PRO C 98 -8.87 -15.56 -25.37
C PRO C 98 -8.86 -16.75 -26.32
N ASN C 99 -7.89 -17.67 -26.14
CA ASN C 99 -7.79 -18.90 -26.93
C ASN C 99 -8.77 -20.00 -26.50
N TYR C 100 -9.21 -19.99 -25.25
CA TYR C 100 -10.06 -21.02 -24.70
C TYR C 100 -11.41 -20.42 -24.34
N GLU C 101 -12.15 -20.10 -25.40
CA GLU C 101 -13.30 -19.19 -25.36
C GLU C 101 -14.50 -19.61 -24.50
N ASP C 102 -14.72 -20.92 -24.45
CA ASP C 102 -15.83 -21.51 -23.68
C ASP C 102 -15.55 -21.48 -22.18
N LEU C 103 -14.31 -21.38 -21.79
CA LEU C 103 -13.86 -21.49 -20.43
C LEU C 103 -13.62 -20.17 -19.71
N ALA C 104 -13.62 -20.21 -18.37
CA ALA C 104 -13.47 -19.06 -17.51
C ALA C 104 -12.96 -19.44 -16.14
N LEU C 105 -12.21 -18.56 -15.51
CA LEU C 105 -11.63 -18.84 -14.20
C LEU C 105 -12.73 -19.09 -13.18
N THR C 106 -12.61 -20.21 -12.45
CA THR C 106 -13.67 -20.68 -11.56
C THR C 106 -13.09 -21.14 -10.24
N SER C 107 -13.91 -21.03 -9.18
CA SER C 107 -13.69 -21.68 -7.91
C SER C 107 -14.97 -22.47 -7.64
N ASN C 108 -14.90 -23.77 -7.89
CA ASN C 108 -16.04 -24.67 -7.70
C ASN C 108 -16.55 -24.72 -6.24
N LYS C 109 -15.76 -24.33 -5.25
CA LYS C 109 -16.26 -24.23 -3.90
C LYS C 109 -16.03 -22.87 -3.32
N ALA C 110 -16.76 -22.53 -2.27
CA ALA C 110 -16.67 -21.24 -1.60
C ALA C 110 -15.62 -21.33 -0.46
N THR C 111 -15.34 -22.54 0.01
CA THR C 111 -14.37 -22.73 1.04
C THR C 111 -12.92 -22.41 0.60
N ARG C 112 -12.11 -22.01 1.58
CA ARG C 112 -10.71 -21.71 1.37
C ARG C 112 -9.97 -23.00 1.00
N SER C 113 -8.76 -22.79 0.55
CA SER C 113 -7.80 -23.82 0.05
C SER C 113 -8.30 -24.64 -1.13
N THR C 114 -9.30 -24.17 -1.85
CA THR C 114 -9.87 -24.98 -2.98
C THR C 114 -9.11 -24.68 -4.25
N ASN C 115 -8.60 -25.71 -4.94
CA ASN C 115 -7.92 -25.57 -6.21
C ASN C 115 -8.73 -24.82 -7.24
N LEU C 116 -8.12 -23.82 -7.90
CA LEU C 116 -8.89 -23.04 -8.91
C LEU C 116 -8.78 -23.73 -10.25
N THR C 117 -9.84 -23.62 -11.02
CA THR C 117 -10.02 -24.40 -12.23
C THR C 117 -10.59 -23.55 -13.38
N MET C 118 -10.41 -24.08 -14.57
CA MET C 118 -11.00 -23.46 -15.76
C MET C 118 -12.23 -24.26 -16.17
N GLU C 119 -13.42 -23.81 -15.79
CA GLU C 119 -14.65 -24.50 -16.12
C GLU C 119 -15.36 -23.80 -17.26
N VAL C 120 -16.46 -24.40 -17.67
CA VAL C 120 -17.33 -23.79 -18.70
C VAL C 120 -17.95 -22.51 -18.17
N ASN C 121 -17.89 -21.42 -18.94
CA ASN C 121 -18.36 -20.13 -18.51
C ASN C 121 -19.89 -20.12 -18.57
N THR C 122 -20.52 -20.03 -17.37
CA THR C 122 -21.94 -19.78 -17.21
C THR C 122 -22.21 -18.42 -16.58
N TYR C 123 -21.20 -17.55 -16.50
CA TYR C 123 -21.25 -16.27 -15.84
C TYR C 123 -21.82 -16.36 -14.45
N SER C 124 -21.25 -17.32 -13.71
CA SER C 124 -21.68 -17.62 -12.34
C SER C 124 -20.83 -16.85 -11.32
N ALA C 125 -21.44 -16.64 -10.17
CA ALA C 125 -20.85 -15.97 -9.05
C ALA C 125 -19.66 -16.68 -8.48
N SER C 126 -19.38 -17.91 -8.94
CA SER C 126 -18.11 -18.58 -8.68
C SER C 126 -17.07 -18.31 -9.78
N GLN C 127 -17.48 -17.57 -10.81
CA GLN C 127 -16.61 -17.19 -11.94
C GLN C 127 -16.34 -15.68 -12.05
N GLY C 128 -16.70 -14.96 -10.98
CA GLY C 128 -16.66 -13.50 -10.83
C GLY C 128 -15.46 -13.08 -10.01
N TRP C 129 -14.66 -12.16 -10.53
CA TRP C 129 -13.44 -11.70 -9.90
C TRP C 129 -13.29 -10.18 -9.93
N ARG C 130 -12.71 -9.59 -8.90
CA ARG C 130 -12.32 -8.18 -8.89
C ARG C 130 -10.77 -8.09 -8.86
N VAL C 131 -10.27 -7.50 -9.93
CA VAL C 131 -8.83 -7.18 -10.00
C VAL C 131 -8.64 -5.80 -9.41
N GLY C 132 -7.93 -5.74 -8.31
CA GLY C 132 -7.78 -4.50 -7.58
C GLY C 132 -7.28 -4.78 -6.18
N ASN C 133 -6.64 -3.80 -5.58
CA ASN C 133 -5.90 -3.97 -4.35
C ASN C 133 -6.78 -3.85 -3.08
N TYR C 134 -7.92 -3.20 -3.24
CA TYR C 134 -8.93 -3.17 -2.19
C TYR C 134 -9.86 -4.35 -2.44
N VAL C 135 -9.82 -5.32 -1.52
CA VAL C 135 -10.48 -6.61 -1.65
C VAL C 135 -11.77 -6.71 -0.89
N GLN C 136 -11.98 -5.77 0.03
CA GLN C 136 -13.14 -5.79 0.93
C GLN C 136 -14.43 -5.52 0.18
N PRO C 137 -15.56 -6.10 0.64
CA PRO C 137 -16.90 -5.70 0.27
C PRO C 137 -17.18 -4.19 0.37
N ILE C 138 -17.86 -3.63 -0.59
CA ILE C 138 -18.21 -2.22 -0.55
C ILE C 138 -19.64 -2.13 -0.02
N ILE C 139 -19.77 -1.44 1.12
CA ILE C 139 -21.12 -1.38 1.76
C ILE C 139 -21.80 -0.05 1.54
N GLY C 140 -23.04 -0.15 1.01
CA GLY C 140 -23.90 1.03 0.92
C GLY C 140 -25.36 0.73 0.72
N SER C 141 -26.16 1.76 0.53
CA SER C 141 -27.55 1.67 0.10
C SER C 141 -27.64 1.58 -1.38
N ILE C 142 -28.72 1.02 -1.86
CA ILE C 142 -28.94 0.94 -3.30
C ILE C 142 -30.23 1.67 -3.59
N VAL C 143 -30.13 2.77 -4.36
CA VAL C 143 -31.21 3.72 -4.54
C VAL C 143 -31.79 3.60 -5.92
N GLY C 144 -33.11 3.43 -6.02
CA GLY C 144 -33.82 3.31 -7.27
C GLY C 144 -34.75 4.45 -7.47
N LEU C 145 -35.79 4.21 -8.27
CA LEU C 145 -36.83 5.15 -8.58
C LEU C 145 -37.48 5.86 -7.40
N ASP C 146 -37.81 7.13 -7.59
CA ASP C 146 -38.36 8.01 -6.59
C ASP C 146 -37.45 8.17 -5.37
N ASP C 147 -36.17 7.96 -5.60
CA ASP C 147 -35.14 8.07 -4.55
C ASP C 147 -35.35 7.14 -3.35
N MET C 148 -35.95 6.02 -3.63
CA MET C 148 -36.27 4.97 -2.68
C MET C 148 -35.16 3.94 -2.62
N CYS C 149 -35.01 3.29 -1.46
CA CYS C 149 -33.95 2.33 -1.21
C CYS C 149 -34.45 0.87 -1.29
N LEU C 150 -33.65 -0.02 -1.89
CA LEU C 150 -33.90 -1.46 -1.78
C LEU C 150 -33.80 -1.91 -0.34
N GLU C 151 -34.83 -2.61 0.11
CA GLU C 151 -34.85 -3.14 1.46
C GLU C 151 -35.05 -4.65 1.52
N ALA C 152 -34.31 -5.30 2.40
CA ALA C 152 -34.45 -6.74 2.66
C ALA C 152 -35.62 -6.94 3.62
N THR C 153 -36.70 -7.49 3.12
CA THR C 153 -37.95 -7.69 3.85
C THR C 153 -38.28 -9.15 4.12
N ASP C 154 -39.30 -9.37 4.98
CA ASP C 154 -39.80 -10.70 5.34
C ASP C 154 -38.69 -11.56 5.93
N GLY C 155 -38.07 -11.06 7.01
CA GLY C 155 -36.94 -11.75 7.64
C GLY C 155 -35.81 -12.09 6.65
N ASN C 156 -35.39 -11.11 5.88
CA ASN C 156 -34.36 -11.31 4.87
C ASN C 156 -34.65 -12.44 3.86
N THR C 157 -35.84 -12.46 3.29
CA THR C 157 -36.20 -13.40 2.25
C THR C 157 -36.77 -12.77 0.99
N ASN C 158 -37.39 -11.59 1.11
CA ASN C 158 -37.77 -10.79 -0.07
C ASN C 158 -37.13 -9.43 -0.17
N MET C 159 -37.29 -8.80 -1.35
CA MET C 159 -36.63 -7.49 -1.63
C MET C 159 -37.48 -6.52 -2.43
N TRP C 160 -37.64 -5.28 -1.95
CA TRP C 160 -38.36 -4.27 -2.71
C TRP C 160 -38.04 -2.86 -2.19
N LEU C 161 -38.63 -1.86 -2.83
CA LEU C 161 -38.33 -0.46 -2.52
C LEU C 161 -39.15 0.12 -1.38
N GLU C 162 -38.45 0.69 -0.43
CA GLU C 162 -39.03 1.44 0.67
C GLU C 162 -38.38 2.81 0.72
N GLU C 163 -39.04 3.72 1.43
CA GLU C 163 -38.57 5.08 1.66
C GLU C 163 -37.30 5.00 2.46
N CYS C 164 -36.25 5.69 2.04
CA CYS C 164 -34.96 5.56 2.73
C CYS C 164 -34.98 6.10 4.12
N VAL C 165 -34.44 5.31 5.07
CA VAL C 165 -34.30 5.67 6.45
C VAL C 165 -32.82 5.51 6.79
N PRO C 166 -32.13 6.61 7.09
CA PRO C 166 -30.67 6.49 7.29
C PRO C 166 -30.30 5.55 8.43
N ASN C 167 -29.29 4.73 8.18
CA ASN C 167 -28.80 3.70 9.10
C ASN C 167 -29.82 2.57 9.41
N GLN C 168 -30.89 2.43 8.66
CA GLN C 168 -31.75 1.27 8.76
C GLN C 168 -30.88 0.11 8.27
N ARG C 169 -30.94 -0.99 9.02
CA ARG C 169 -30.01 -2.11 8.82
C ARG C 169 -30.36 -2.91 7.57
N GLU C 170 -31.65 -3.03 7.30
CA GLU C 170 -32.16 -3.85 6.21
C GLU C 170 -31.95 -3.20 4.86
N GLN C 171 -31.62 -1.90 4.84
CA GLN C 171 -31.34 -1.15 3.62
C GLN C 171 -29.83 -1.09 3.30
N SER C 172 -28.99 -1.79 4.08
CA SER C 172 -27.58 -1.85 3.83
C SER C 172 -27.16 -3.14 3.13
N TRP C 173 -26.44 -2.98 2.03
CA TRP C 173 -25.97 -4.07 1.19
C TRP C 173 -24.45 -4.08 1.10
N ALA C 174 -23.92 -5.28 0.89
CA ALA C 174 -22.49 -5.45 0.76
C ALA C 174 -22.19 -6.07 -0.58
N LEU C 175 -21.43 -5.33 -1.40
CA LEU C 175 -21.05 -5.76 -2.73
C LEU C 175 -19.69 -6.48 -2.71
N TYR C 176 -19.69 -7.76 -3.05
CA TYR C 176 -18.50 -8.61 -2.92
C TYR C 176 -17.82 -8.73 -4.29
N SER C 177 -16.55 -9.13 -4.22
CA SER C 177 -15.68 -9.24 -5.39
C SER C 177 -16.15 -10.29 -6.40
N ASP C 178 -16.94 -11.24 -5.95
CA ASP C 178 -17.56 -12.24 -6.83
C ASP C 178 -18.76 -11.73 -7.60
N GLY C 179 -19.18 -10.51 -7.31
CA GLY C 179 -20.30 -9.91 -7.99
C GLY C 179 -21.61 -10.16 -7.30
N THR C 180 -21.55 -10.68 -6.07
CA THR C 180 -22.76 -10.87 -5.29
C THR C 180 -23.07 -9.62 -4.53
N ILE C 181 -24.38 -9.37 -4.35
CA ILE C 181 -24.91 -8.33 -3.48
C ILE C 181 -25.55 -9.01 -2.28
N ARG C 182 -25.01 -8.75 -1.11
CA ARG C 182 -25.33 -9.52 0.06
C ARG C 182 -25.94 -8.67 1.17
N VAL C 183 -26.79 -9.31 1.99
CA VAL C 183 -27.43 -8.64 3.10
C VAL C 183 -26.35 -8.32 4.11
N ASP C 184 -26.27 -7.07 4.52
CA ASP C 184 -25.20 -6.59 5.34
C ASP C 184 -25.22 -7.34 6.67
N ASP C 185 -26.43 -7.44 7.24
CA ASP C 185 -26.62 -8.11 8.55
C ASP C 185 -26.54 -9.64 8.47
N ASN C 186 -26.58 -10.24 7.26
CA ASN C 186 -26.28 -11.68 7.14
C ASN C 186 -25.51 -11.98 5.85
N ARG C 187 -24.20 -12.15 5.94
CA ARG C 187 -23.38 -12.33 4.74
C ARG C 187 -23.47 -13.70 4.08
N GLU C 188 -24.34 -14.61 4.56
CA GLU C 188 -24.59 -15.87 3.85
C GLU C 188 -25.75 -15.66 2.85
N LEU C 189 -26.36 -14.49 2.84
CA LEU C 189 -27.53 -14.24 2.03
C LEU C 189 -27.33 -13.29 0.85
N CYS C 190 -27.73 -13.75 -0.36
CA CYS C 190 -27.49 -13.04 -1.60
C CYS C 190 -28.78 -12.59 -2.26
N VAL C 191 -28.73 -11.45 -2.90
CA VAL C 191 -29.75 -11.02 -3.87
C VAL C 191 -29.70 -12.00 -5.00
N THR C 192 -30.85 -12.58 -5.35
CA THR C 192 -30.96 -13.74 -6.26
C THR C 192 -32.15 -13.60 -7.17
N ALA C 193 -32.03 -14.01 -8.41
CA ALA C 193 -33.17 -14.03 -9.32
C ALA C 193 -33.92 -15.39 -9.27
N SER C 194 -35.16 -15.39 -8.75
CA SER C 194 -35.92 -16.63 -8.44
C SER C 194 -36.52 -17.31 -9.64
N SER C 195 -37.12 -18.49 -9.38
CA SER C 195 -37.92 -19.23 -10.40
C SER C 195 -39.33 -18.66 -10.44
N SER C 196 -39.78 -18.07 -9.32
CA SER C 196 -41.03 -17.32 -9.28
C SER C 196 -41.02 -16.14 -10.26
N THR C 197 -42.12 -15.93 -10.95
CA THR C 197 -42.23 -14.89 -12.00
C THR C 197 -43.27 -13.82 -11.78
N TYR C 198 -43.10 -12.66 -12.40
CA TYR C 198 -44.15 -11.64 -12.57
C TYR C 198 -44.15 -11.16 -14.02
N ASP C 199 -45.27 -11.27 -14.70
CA ASP C 199 -45.38 -10.94 -16.14
C ASP C 199 -44.38 -11.71 -17.00
N ASN C 200 -44.13 -12.99 -16.68
CA ASN C 200 -43.09 -13.82 -17.27
C ASN C 200 -41.69 -13.23 -17.24
N TRP C 201 -41.33 -12.65 -16.10
CA TRP C 201 -39.95 -12.26 -15.76
C TRP C 201 -39.62 -12.74 -14.32
N LYS C 202 -38.35 -13.07 -14.12
CA LYS C 202 -38.00 -13.64 -12.76
C LYS C 202 -38.09 -12.51 -11.72
N VAL C 203 -38.69 -12.81 -10.57
CA VAL C 203 -38.70 -11.91 -9.46
C VAL C 203 -37.39 -12.10 -8.68
N ILE C 204 -36.90 -10.99 -8.14
CA ILE C 204 -35.67 -10.99 -7.37
C ILE C 204 -35.98 -11.09 -5.90
N THR C 205 -35.29 -12.01 -5.22
CA THR C 205 -35.51 -12.28 -3.80
C THR C 205 -34.15 -12.45 -3.15
N ILE C 206 -34.17 -12.79 -1.87
CA ILE C 206 -32.96 -13.08 -1.11
C ILE C 206 -32.88 -14.58 -0.79
N LEU C 207 -31.85 -15.27 -1.31
CA LEU C 207 -31.59 -16.66 -0.94
C LEU C 207 -30.19 -16.85 -0.39
N ASN C 208 -29.92 -18.03 0.15
CA ASN C 208 -28.57 -18.39 0.59
C ASN C 208 -27.59 -18.31 -0.56
N CYS C 209 -26.43 -17.70 -0.37
CA CYS C 209 -25.43 -17.64 -1.42
C CYS C 209 -24.96 -19.03 -1.77
N ASP C 210 -25.10 -19.43 -3.03
CA ASP C 210 -24.71 -20.74 -3.53
C ASP C 210 -23.76 -20.69 -4.73
N GLY C 211 -23.20 -19.52 -5.05
CA GLY C 211 -22.31 -19.36 -6.18
C GLY C 211 -22.89 -19.61 -7.58
N SER C 212 -24.21 -19.54 -7.71
CA SER C 212 -24.88 -19.76 -9.00
C SER C 212 -24.77 -18.54 -9.95
N ASN C 213 -25.26 -18.69 -11.18
CA ASN C 213 -25.45 -17.58 -12.11
C ASN C 213 -26.77 -16.79 -11.93
N ASN C 214 -27.41 -16.93 -10.77
CA ASN C 214 -28.54 -16.13 -10.43
C ASN C 214 -28.17 -15.07 -9.40
N GLN C 215 -26.92 -15.05 -8.92
CA GLN C 215 -26.55 -14.23 -7.78
C GLN C 215 -25.34 -13.35 -8.09
N ARG C 216 -25.05 -13.24 -9.41
CA ARG C 216 -23.92 -12.39 -9.90
C ARG C 216 -24.43 -11.19 -10.68
N TRP C 217 -24.06 -10.04 -10.20
CA TRP C 217 -24.55 -8.73 -10.66
C TRP C 217 -23.39 -7.78 -10.89
N VAL C 218 -23.48 -6.93 -11.91
CA VAL C 218 -22.51 -5.88 -12.14
C VAL C 218 -23.19 -4.51 -12.32
N PHE C 219 -22.67 -3.52 -11.57
CA PHE C 219 -23.12 -2.13 -11.66
C PHE C 219 -22.42 -1.46 -12.84
N LEU C 220 -23.18 -1.12 -13.87
CA LEU C 220 -22.60 -0.70 -15.14
C LEU C 220 -22.64 0.81 -15.27
N ALA C 221 -21.89 1.38 -16.23
CA ALA C 221 -21.89 2.83 -16.42
C ALA C 221 -23.20 3.44 -16.85
N ASP C 222 -24.14 2.65 -17.37
CA ASP C 222 -25.47 3.08 -17.75
C ASP C 222 -26.40 3.22 -16.55
N GLY C 223 -25.91 2.95 -15.34
CA GLY C 223 -26.77 3.00 -14.18
C GLY C 223 -27.58 1.71 -13.91
N SER C 224 -27.44 0.71 -14.77
CA SER C 224 -28.10 -0.60 -14.51
C SER C 224 -27.40 -1.47 -13.51
N ILE C 225 -28.15 -2.39 -12.92
CA ILE C 225 -27.57 -3.51 -12.14
C ILE C 225 -27.88 -4.73 -12.99
N SER C 226 -26.86 -5.23 -13.69
CA SER C 226 -27.03 -6.19 -14.75
C SER C 226 -26.36 -7.54 -14.51
N THR C 227 -26.76 -8.55 -15.31
CA THR C 227 -26.11 -9.84 -15.29
C THR C 227 -24.90 -9.74 -16.25
N PRO C 228 -23.79 -10.43 -15.93
CA PRO C 228 -22.63 -10.31 -16.79
C PRO C 228 -22.82 -11.15 -18.04
N GLY C 229 -21.98 -10.91 -19.04
CA GLY C 229 -22.04 -11.69 -20.30
C GLY C 229 -23.18 -11.28 -21.21
N ASN C 230 -23.35 -12.06 -22.29
CA ASN C 230 -24.30 -11.78 -23.35
C ASN C 230 -25.67 -12.31 -22.91
N GLN C 231 -26.70 -11.96 -23.67
CA GLN C 231 -28.06 -12.30 -23.30
C GLN C 231 -28.31 -11.64 -21.96
N ARG C 232 -27.78 -10.43 -21.82
CA ARG C 232 -27.87 -9.64 -20.60
C ARG C 232 -29.25 -9.16 -20.17
N LEU C 233 -29.47 -9.17 -18.87
CA LEU C 233 -30.71 -8.69 -18.24
C LEU C 233 -30.38 -7.71 -17.10
N ALA C 234 -31.34 -6.86 -16.79
CA ALA C 234 -31.17 -5.81 -15.76
C ALA C 234 -32.23 -5.92 -14.67
N MET C 235 -31.85 -5.48 -13.50
CA MET C 235 -32.75 -5.34 -12.37
C MET C 235 -33.69 -4.13 -12.61
N ASP C 236 -35.01 -4.34 -12.41
CA ASP C 236 -35.97 -3.33 -12.68
C ASP C 236 -37.19 -3.38 -11.75
N VAL C 237 -37.72 -2.21 -11.47
CA VAL C 237 -38.91 -2.01 -10.67
C VAL C 237 -40.11 -2.21 -11.60
N ALA C 238 -40.88 -3.27 -11.35
CA ALA C 238 -42.00 -3.65 -12.21
C ALA C 238 -43.00 -2.52 -12.40
N ARG C 239 -43.28 -2.20 -13.66
CA ARG C 239 -44.24 -1.17 -14.09
C ARG C 239 -43.96 0.22 -13.55
N SER C 240 -42.69 0.46 -13.23
CA SER C 240 -42.25 1.66 -12.48
C SER C 240 -43.14 1.93 -11.26
N ASP C 241 -43.65 0.85 -10.65
CA ASP C 241 -44.62 0.96 -9.56
C ASP C 241 -44.05 0.39 -8.28
N VAL C 242 -43.60 1.29 -7.41
CA VAL C 242 -43.02 0.85 -6.13
C VAL C 242 -44.05 0.09 -5.27
N ASP C 243 -45.34 0.36 -5.45
CA ASP C 243 -46.35 -0.26 -4.58
C ASP C 243 -46.57 -1.73 -4.86
N LEU C 244 -46.21 -2.20 -6.05
CA LEU C 244 -46.20 -3.65 -6.36
C LEU C 244 -45.29 -4.53 -5.48
N LYS C 245 -44.36 -3.90 -4.76
CA LYS C 245 -43.34 -4.62 -3.98
C LYS C 245 -42.63 -5.72 -4.83
N LYS C 246 -42.43 -5.45 -6.10
CA LYS C 246 -41.75 -6.45 -6.98
C LYS C 246 -40.62 -5.90 -7.82
N ILE C 247 -39.40 -6.36 -7.53
CA ILE C 247 -38.21 -6.16 -8.38
C ILE C 247 -38.05 -7.37 -9.29
N ILE C 248 -38.04 -7.17 -10.59
CA ILE C 248 -37.93 -8.22 -11.55
C ILE C 248 -36.72 -8.11 -12.45
N LEU C 249 -36.43 -9.16 -13.22
CA LEU C 249 -35.25 -9.19 -14.09
C LEU C 249 -35.70 -9.08 -15.52
N HIS C 250 -35.37 -7.91 -16.15
CA HIS C 250 -36.00 -7.50 -17.38
C HIS C 250 -34.97 -7.35 -18.50
N ARG C 251 -35.44 -7.34 -19.74
CA ARG C 251 -34.58 -6.92 -20.85
C ARG C 251 -34.18 -5.45 -20.69
N PRO C 252 -32.89 -5.14 -20.89
CA PRO C 252 -32.39 -3.79 -20.61
C PRO C 252 -32.89 -2.73 -21.60
N HIS C 253 -33.40 -1.63 -21.05
CA HIS C 253 -33.83 -0.48 -21.86
C HIS C 253 -33.39 0.87 -21.34
N GLY C 254 -32.66 0.91 -20.22
CA GLY C 254 -32.13 2.11 -19.61
C GLY C 254 -33.03 3.21 -19.13
N ASP C 255 -34.29 2.88 -18.92
CA ASP C 255 -35.32 3.80 -18.46
C ASP C 255 -35.19 3.95 -16.93
N LEU C 256 -35.96 4.88 -16.37
CA LEU C 256 -35.81 5.19 -14.94
C LEU C 256 -35.95 4.02 -14.00
N ASN C 257 -36.88 3.13 -14.32
CA ASN C 257 -37.15 1.96 -13.47
C ASN C 257 -36.03 0.91 -13.51
N GLN C 258 -35.05 1.11 -14.40
CA GLN C 258 -33.82 0.27 -14.44
C GLN C 258 -32.53 1.01 -14.00
N GLN C 259 -32.67 2.20 -13.45
CA GLN C 259 -31.58 3.01 -12.97
C GLN C 259 -31.44 3.00 -11.50
N TRP C 260 -30.21 2.80 -11.02
CA TRP C 260 -29.87 2.65 -9.61
C TRP C 260 -28.63 3.45 -9.27
N VAL C 261 -28.45 3.81 -8.01
CA VAL C 261 -27.25 4.50 -7.58
C VAL C 261 -26.78 3.82 -6.32
N LEU C 262 -25.49 3.56 -6.25
CA LEU C 262 -24.88 3.01 -5.06
C LEU C 262 -24.56 4.15 -4.12
N PHE C 263 -25.21 4.19 -2.96
CA PHE C 263 -25.07 5.30 -2.05
C PHE C 263 -24.20 4.84 -0.89
N TYR C 264 -22.91 5.07 -1.05
CA TYR C 264 -21.91 4.46 -0.18
C TYR C 264 -21.39 5.50 0.77
N ALA D 1 3.70 -25.92 8.64
CA ALA D 1 4.99 -25.38 8.09
C ALA D 1 6.00 -26.53 7.99
N ASN D 2 6.17 -27.04 6.77
CA ASN D 2 7.02 -28.18 6.49
C ASN D 2 8.27 -27.61 5.77
N LEU D 3 9.35 -28.34 5.85
CA LEU D 3 10.50 -28.08 4.99
C LEU D 3 10.99 -29.45 4.55
N ARG D 4 10.87 -29.71 3.26
CA ARG D 4 11.40 -30.95 2.67
C ARG D 4 12.68 -30.62 1.92
N LEU D 5 13.68 -31.44 2.14
CA LEU D 5 15.03 -31.21 1.64
C LEU D 5 15.35 -31.82 0.26
N SER D 6 14.57 -32.77 -0.26
CA SER D 6 14.81 -33.24 -1.65
C SER D 6 14.30 -32.20 -2.65
N GLU D 7 13.17 -31.57 -2.31
CA GLU D 7 12.56 -30.51 -3.15
C GLU D 7 13.03 -29.11 -2.71
N ALA D 8 14.32 -28.98 -2.47
CA ALA D 8 14.88 -27.82 -1.75
C ALA D 8 15.80 -26.94 -2.54
N ASN D 9 15.42 -25.66 -2.70
CA ASN D 9 16.27 -24.66 -3.30
C ASN D 9 16.22 -23.41 -2.42
N SER D 10 17.04 -22.41 -2.80
CA SER D 10 17.02 -21.11 -2.11
C SER D 10 15.60 -20.55 -1.97
N GLY D 11 14.80 -20.67 -3.02
CA GLY D 11 13.42 -20.17 -3.01
C GLY D 11 12.49 -20.83 -2.01
N THR D 12 12.57 -22.16 -1.89
CA THR D 12 11.73 -22.91 -0.95
C THR D 12 12.21 -22.68 0.49
N TYR D 13 13.52 -22.59 0.69
CA TYR D 13 14.06 -22.23 2.01
C TYR D 13 13.50 -20.89 2.50
N LYS D 14 13.60 -19.87 1.67
CA LYS D 14 13.11 -18.51 2.02
C LYS D 14 11.61 -18.43 2.21
N THR D 15 10.87 -19.23 1.42
CA THR D 15 9.42 -19.36 1.60
C THR D 15 9.06 -19.91 2.96
N PHE D 16 9.78 -20.98 3.34
CA PHE D 16 9.64 -21.59 4.67
C PHE D 16 9.92 -20.61 5.79
N ILE D 17 11.08 -19.93 5.73
CA ILE D 17 11.44 -18.91 6.75
C ILE D 17 10.38 -17.82 6.75
N GLY D 18 9.89 -17.47 5.56
CA GLY D 18 8.84 -16.47 5.44
C GLY D 18 7.58 -16.87 6.17
N ARG D 19 7.20 -18.14 6.05
CA ARG D 19 6.03 -18.64 6.77
C ARG D 19 6.22 -18.69 8.30
N VAL D 20 7.42 -19.09 8.74
CA VAL D 20 7.73 -19.11 10.18
C VAL D 20 7.55 -17.71 10.76
N ARG D 21 8.13 -16.70 10.09
CA ARG D 21 7.98 -15.30 10.51
C ARG D 21 6.54 -14.84 10.57
N GLU D 22 5.75 -15.21 9.58
CA GLU D 22 4.31 -14.90 9.53
C GLU D 22 3.52 -15.37 10.74
N GLU D 23 3.79 -16.66 11.05
CA GLU D 23 3.08 -17.37 12.11
C GLU D 23 3.56 -16.93 13.51
N LEU D 24 4.83 -16.54 13.68
CA LEU D 24 5.36 -16.17 14.98
C LEU D 24 5.27 -14.64 15.29
N GLY D 25 5.35 -13.83 14.27
CA GLY D 25 5.38 -12.40 14.41
C GLY D 25 3.97 -11.82 14.43
N SER D 26 3.83 -10.79 15.24
CA SER D 26 2.54 -10.09 15.38
C SER D 26 2.18 -9.45 14.06
N GLU D 27 0.91 -9.55 13.73
CA GLU D 27 0.30 -8.78 12.61
C GLU D 27 0.14 -7.31 12.97
N THR D 28 -0.26 -6.99 14.20
CA THR D 28 -0.51 -5.61 14.61
C THR D 28 0.58 -4.87 15.42
N TYR D 29 1.34 -5.55 16.27
CA TYR D 29 2.31 -4.90 17.14
C TYR D 29 3.70 -4.91 16.50
N ARG D 30 4.06 -3.76 15.92
CA ARG D 30 5.37 -3.58 15.29
C ARG D 30 6.00 -2.26 15.72
N LEU D 31 7.30 -2.24 15.73
CA LEU D 31 8.06 -1.05 16.13
C LEU D 31 9.06 -0.79 15.06
N TYR D 32 9.03 0.41 14.47
CA TYR D 32 9.86 0.74 13.33
C TYR D 32 9.68 -0.31 12.20
N GLY D 33 8.50 -0.92 12.09
CA GLY D 33 8.25 -1.99 11.10
C GLY D 33 8.65 -3.41 11.45
N ILE D 34 9.33 -3.59 12.57
CA ILE D 34 9.80 -4.92 13.02
C ILE D 34 8.76 -5.55 13.93
N PRO D 35 8.20 -6.69 13.56
CA PRO D 35 7.22 -7.34 14.42
C PRO D 35 7.73 -7.86 15.78
N VAL D 36 6.91 -7.65 16.82
CA VAL D 36 7.15 -8.24 18.11
C VAL D 36 6.51 -9.62 18.06
N LEU D 37 7.09 -10.60 18.75
CA LEU D 37 6.52 -11.93 18.76
C LEU D 37 5.11 -11.88 19.34
N LYS D 38 4.26 -12.75 18.81
CA LYS D 38 2.85 -12.77 19.21
C LYS D 38 2.74 -13.30 20.62
N HIS D 39 1.68 -12.90 21.33
CA HIS D 39 1.40 -13.41 22.66
C HIS D 39 0.74 -14.78 22.65
N SER D 40 -0.05 -15.03 21.62
CA SER D 40 -0.64 -16.35 21.40
C SER D 40 -0.83 -16.67 19.90
N LEU D 41 -1.05 -17.94 19.66
CA LEU D 41 -1.39 -18.51 18.35
C LEU D 41 -2.88 -18.90 18.43
N ASN E 1 -2.87 -20.35 22.04
CA ASN E 1 -1.89 -21.06 22.92
C ASN E 1 -0.42 -20.79 22.49
N ARG E 2 0.53 -21.43 23.18
CA ARG E 2 1.90 -20.93 23.17
C ARG E 2 2.92 -21.66 22.31
N PHE E 3 2.72 -22.95 22.01
CA PHE E 3 3.75 -23.73 21.33
C PHE E 3 3.44 -23.96 19.86
N TYR E 4 4.41 -23.60 18.99
CA TYR E 4 4.24 -23.66 17.57
C TYR E 4 4.97 -24.92 17.12
N LEU E 5 4.24 -25.81 16.45
CA LEU E 5 4.79 -27.03 15.88
C LEU E 5 5.37 -26.64 14.55
N LEU E 6 6.27 -27.46 14.08
CA LEU E 6 6.92 -27.23 12.84
C LEU E 6 7.44 -28.59 12.41
N THR E 7 7.45 -28.85 11.11
CA THR E 7 7.99 -30.13 10.64
C THR E 7 9.15 -29.98 9.68
N LEU E 8 10.17 -30.78 9.86
CA LEU E 8 11.36 -30.77 9.00
C LEU E 8 11.55 -32.18 8.48
N THR E 9 11.82 -32.33 7.18
CA THR E 9 11.88 -33.61 6.52
C THR E 9 13.19 -33.75 5.74
N SER E 10 13.84 -34.90 5.93
CA SER E 10 15.10 -35.18 5.23
C SER E 10 14.91 -35.54 3.74
N ASN E 11 16.01 -35.67 3.05
CA ASN E 11 16.04 -36.34 1.72
C ASN E 11 15.58 -37.78 1.68
N GLN E 12 15.71 -38.51 2.78
CA GLN E 12 15.16 -39.88 2.84
C GLN E 12 13.69 -39.87 3.28
N ASP E 13 13.05 -38.72 3.32
CA ASP E 13 11.71 -38.55 3.90
C ASP E 13 11.54 -39.03 5.32
N GLU E 14 12.57 -38.94 6.16
CA GLU E 14 12.39 -39.11 7.60
C GLU E 14 12.06 -37.71 8.17
N SER E 15 10.92 -37.51 8.82
CA SER E 15 10.53 -36.23 9.30
C SER E 15 10.36 -36.18 10.82
N ILE E 16 10.62 -35.01 11.37
CA ILE E 16 10.44 -34.79 12.80
C ILE E 16 9.57 -33.57 13.00
N THR E 17 8.92 -33.49 14.15
CA THR E 17 8.13 -32.33 14.53
C THR E 17 8.79 -31.66 15.70
N LEU E 18 9.10 -30.38 15.53
CA LEU E 18 9.79 -29.57 16.50
C LEU E 18 8.85 -28.55 17.09
N ALA E 19 8.83 -28.44 18.42
CA ALA E 19 7.96 -27.48 19.14
C ALA E 19 8.74 -26.31 19.66
N ILE E 20 8.20 -25.12 19.41
CA ILE E 20 8.84 -23.83 19.68
C ILE E 20 7.94 -23.06 20.63
N ASP E 21 8.51 -22.56 21.72
CA ASP E 21 7.83 -21.66 22.64
C ASP E 21 7.76 -20.28 22.02
N VAL E 22 6.60 -19.76 21.72
CA VAL E 22 6.45 -18.44 21.09
C VAL E 22 6.86 -17.30 22.02
N GLU E 23 6.92 -17.54 23.31
CA GLU E 23 7.29 -16.50 24.25
C GLU E 23 8.80 -16.15 24.21
N ASP E 24 9.65 -17.16 24.09
CA ASP E 24 11.12 -16.97 24.00
C ASP E 24 11.66 -17.52 22.68
N MET E 25 10.80 -17.75 21.70
CA MET E 25 11.23 -18.38 20.48
C MET E 25 12.41 -19.36 20.59
N VAL E 26 12.24 -20.35 21.43
CA VAL E 26 13.22 -21.40 21.63
C VAL E 26 12.60 -22.76 21.45
N ALA E 27 13.39 -23.70 20.99
CA ALA E 27 12.97 -25.07 20.83
C ALA E 27 12.82 -25.73 22.19
N VAL E 28 11.71 -26.40 22.45
CA VAL E 28 11.49 -27.05 23.75
C VAL E 28 11.41 -28.58 23.70
N ALA E 29 10.93 -29.10 22.59
CA ALA E 29 10.75 -30.55 22.46
C ALA E 29 10.58 -30.95 21.02
N TYR E 30 10.71 -32.22 20.75
CA TYR E 30 10.46 -32.73 19.38
C TYR E 30 10.07 -34.19 19.43
N GLN E 31 9.47 -34.64 18.34
CA GLN E 31 9.06 -36.03 18.15
C GLN E 31 9.37 -36.50 16.75
N PRO E 32 10.07 -37.65 16.60
CA PRO E 32 10.16 -38.28 15.27
C PRO E 32 8.76 -38.74 14.83
N ALA E 33 8.38 -38.51 13.58
CA ALA E 33 7.05 -38.91 13.12
C ALA E 33 6.86 -40.45 13.25
N GLY E 34 5.66 -40.84 13.67
CA GLY E 34 5.35 -42.22 13.98
C GLY E 34 6.26 -42.88 15.00
N SER E 35 6.50 -42.20 16.11
CA SER E 35 7.30 -42.77 17.22
C SER E 35 6.52 -42.60 18.52
N HIS E 36 6.79 -43.50 19.49
CA HIS E 36 6.16 -43.47 20.83
C HIS E 36 7.06 -42.79 21.85
N GLU E 37 8.17 -42.23 21.40
CA GLU E 37 9.02 -41.41 22.23
C GLU E 37 8.95 -39.97 21.73
N SER E 38 9.09 -39.03 22.67
CA SER E 38 9.37 -37.64 22.41
C SER E 38 10.50 -37.21 23.33
N TYR E 39 11.10 -36.07 23.02
CA TYR E 39 12.31 -35.64 23.73
C TYR E 39 12.20 -34.19 24.09
N PHE E 40 12.39 -33.87 25.35
CA PHE E 40 12.21 -32.55 25.89
C PHE E 40 13.54 -32.08 26.43
N PHE E 41 13.84 -30.80 26.17
CA PHE E 41 14.97 -30.14 26.79
C PHE E 41 14.77 -30.10 28.31
N LEU E 42 15.89 -30.15 29.02
CA LEU E 42 15.87 -30.12 30.47
C LEU E 42 15.24 -28.84 30.99
N ASN E 43 15.32 -27.73 30.25
CA ASN E 43 14.71 -26.50 30.70
C ASN E 43 13.44 -26.19 29.94
N ALA E 44 12.82 -27.17 29.32
CA ALA E 44 11.54 -26.89 28.67
C ALA E 44 10.55 -26.45 29.76
N PRO E 45 9.68 -25.49 29.44
CA PRO E 45 8.68 -25.08 30.40
C PRO E 45 7.78 -26.20 30.86
N GLN E 46 7.22 -26.09 32.05
CA GLN E 46 6.30 -27.12 32.61
C GLN E 46 5.10 -27.33 31.70
N ILE E 47 4.58 -26.24 31.14
CA ILE E 47 3.46 -26.41 30.23
C ILE E 47 3.78 -27.31 29.02
N ALA E 48 5.02 -27.21 28.53
CA ALA E 48 5.42 -28.11 27.42
C ALA E 48 5.09 -29.57 27.69
N PHE E 49 5.49 -30.00 28.91
CA PHE E 49 5.24 -31.42 29.30
C PHE E 49 3.75 -31.68 29.50
N HIS E 50 3.04 -30.65 29.95
CA HIS E 50 1.61 -30.78 30.19
C HIS E 50 0.81 -30.89 28.91
N THR E 51 1.19 -30.14 27.86
CA THR E 51 0.37 -30.06 26.68
C THR E 51 0.90 -30.71 25.41
N LEU E 52 2.19 -30.93 25.28
CA LEU E 52 2.76 -31.47 24.02
C LEU E 52 3.04 -32.94 24.07
N PHE E 53 2.61 -33.67 23.06
CA PHE E 53 3.01 -35.06 22.85
C PHE E 53 2.63 -35.90 24.05
N THR E 54 1.49 -35.57 24.69
CA THR E 54 0.95 -36.34 25.79
C THR E 54 0.60 -37.79 25.47
N ASP E 55 0.23 -38.00 24.22
CA ASP E 55 0.23 -39.31 23.53
C ASP E 55 1.43 -40.18 23.86
N THR E 56 2.64 -39.62 23.76
CA THR E 56 3.91 -40.36 23.85
C THR E 56 4.71 -40.26 25.17
N HIS E 57 5.66 -41.18 25.27
CA HIS E 57 6.54 -41.28 26.40
C HIS E 57 7.52 -40.12 26.29
N GLN E 58 7.50 -39.24 27.28
CA GLN E 58 8.24 -37.98 27.22
C GLN E 58 9.56 -38.15 27.89
N ASN E 59 10.63 -38.21 27.11
CA ASN E 59 11.98 -38.30 27.66
C ASN E 59 12.56 -36.93 27.86
N VAL E 60 13.33 -36.78 28.94
CA VAL E 60 14.02 -35.54 29.26
C VAL E 60 15.52 -35.74 28.93
N LEU E 61 16.03 -34.77 28.20
CA LEU E 61 17.42 -34.71 27.76
C LEU E 61 18.36 -34.20 28.85
N ASN E 62 19.61 -34.59 28.75
CA ASN E 62 20.63 -34.18 29.69
C ASN E 62 21.25 -32.84 29.39
N PHE E 63 20.54 -31.97 28.68
CA PHE E 63 21.04 -30.63 28.36
C PHE E 63 19.84 -29.73 28.15
N ASP E 64 20.06 -28.43 28.06
CA ASP E 64 18.94 -27.51 27.87
C ASP E 64 19.14 -26.74 26.58
N ASN E 65 18.16 -25.89 26.24
CA ASN E 65 18.10 -25.24 24.96
C ASN E 65 18.92 -23.97 24.84
N THR E 66 19.68 -23.60 25.87
CA THR E 66 20.63 -22.51 25.78
C THR E 66 21.80 -22.92 24.93
N PHE E 67 22.38 -21.98 24.20
CA PHE E 67 23.56 -22.31 23.36
C PHE E 67 24.73 -22.85 24.20
N LYS E 68 24.89 -22.26 25.38
CA LYS E 68 25.91 -22.68 26.30
C LYS E 68 25.81 -24.20 26.64
N SER E 69 24.61 -24.63 26.92
CA SER E 69 24.38 -26.02 27.29
C SER E 69 24.56 -26.93 26.07
N LEU E 70 24.01 -26.49 24.96
CA LEU E 70 24.11 -27.25 23.73
C LEU E 70 25.53 -27.43 23.24
N GLU E 71 26.31 -26.37 23.30
CA GLU E 71 27.73 -26.43 22.86
C GLU E 71 28.54 -27.27 23.82
N ASN E 72 28.26 -27.10 25.12
CA ASN E 72 28.88 -27.96 26.10
C ASN E 72 28.65 -29.46 25.83
N ALA E 73 27.40 -29.81 25.57
CA ALA E 73 27.04 -31.19 25.29
C ALA E 73 27.55 -31.68 23.94
N ALA E 74 27.59 -30.81 22.94
CA ALA E 74 28.17 -31.21 21.61
C ALA E 74 29.70 -31.32 21.65
N GLY E 75 30.32 -30.63 22.60
CA GLY E 75 31.77 -30.65 22.73
C GLY E 75 32.49 -29.61 21.89
N THR E 76 31.73 -28.62 21.43
CA THR E 76 32.29 -27.68 20.42
C THR E 76 31.39 -26.50 20.23
N THR E 77 31.89 -25.40 19.66
CA THR E 77 31.17 -24.13 19.52
C THR E 77 30.49 -24.01 18.17
N ARG E 78 29.54 -23.07 18.11
CA ARG E 78 28.91 -22.69 16.83
C ARG E 78 29.89 -22.23 15.76
N GLN E 79 31.05 -21.72 16.19
CA GLN E 79 32.13 -21.23 15.32
C GLN E 79 32.92 -22.35 14.65
N THR E 80 32.60 -23.60 14.97
CA THR E 80 33.22 -24.71 14.30
C THR E 80 32.27 -25.69 13.72
N ILE E 81 30.95 -25.43 13.84
CA ILE E 81 29.93 -26.40 13.46
C ILE E 81 29.35 -26.03 12.10
N VAL E 82 29.42 -26.96 11.16
CA VAL E 82 29.14 -26.68 9.78
C VAL E 82 27.65 -26.57 9.53
N LEU E 83 27.24 -25.58 8.74
CA LEU E 83 25.82 -25.44 8.40
C LEU E 83 25.63 -25.56 6.90
N GLY E 84 24.44 -25.94 6.50
CA GLY E 84 24.06 -26.02 5.08
C GLY E 84 23.05 -27.08 4.81
N VAL E 85 22.89 -27.43 3.56
CA VAL E 85 21.87 -28.41 3.17
C VAL E 85 22.15 -29.80 3.71
N ASP E 86 23.36 -30.32 3.51
CA ASP E 86 23.70 -31.66 3.92
C ASP E 86 23.85 -31.75 5.43
N PRO E 87 24.45 -30.70 6.05
CA PRO E 87 24.40 -30.69 7.52
C PRO E 87 23.00 -30.77 8.12
N LEU E 88 22.05 -30.01 7.58
CA LEU E 88 20.66 -30.08 8.01
C LEU E 88 20.06 -31.44 7.80
N ASP E 89 20.30 -32.10 6.65
CA ASP E 89 19.79 -33.41 6.36
C ASP E 89 20.30 -34.42 7.41
N PHE E 90 21.62 -34.37 7.66
CA PHE E 90 22.24 -35.20 8.64
C PHE E 90 21.72 -34.95 10.03
N ALA E 91 21.45 -33.69 10.34
CA ALA E 91 20.88 -33.29 11.67
C ALA E 91 19.48 -33.81 11.87
N ILE E 92 18.65 -33.66 10.86
CA ILE E 92 17.25 -34.17 10.95
C ILE E 92 17.30 -35.66 11.16
N SER E 93 18.13 -36.35 10.35
CA SER E 93 18.34 -37.81 10.49
C SER E 93 18.72 -38.28 11.89
N ASN E 94 19.65 -37.58 12.50
CA ASN E 94 20.19 -37.90 13.79
C ASN E 94 19.21 -37.65 14.92
N LEU E 95 18.33 -36.65 14.74
CA LEU E 95 17.21 -36.46 15.69
C LEU E 95 16.20 -37.54 15.50
N PHE E 96 15.88 -37.85 14.24
CA PHE E 96 14.86 -38.88 13.93
C PHE E 96 15.22 -40.26 14.51
N ASN E 97 16.45 -40.66 14.38
CA ASN E 97 16.99 -41.91 14.92
C ASN E 97 17.40 -41.81 16.37
N ALA E 98 17.36 -40.58 16.91
CA ALA E 98 17.57 -40.34 18.34
C ALA E 98 18.93 -40.78 18.79
N ASP E 99 19.94 -40.49 17.96
CA ASP E 99 21.33 -40.87 18.27
C ASP E 99 21.93 -39.98 19.32
N PRO E 100 22.11 -40.50 20.56
CA PRO E 100 22.43 -39.64 21.69
C PRO E 100 23.76 -38.89 21.56
N LYS E 101 24.70 -39.49 20.82
CA LYS E 101 26.00 -38.80 20.57
C LYS E 101 25.83 -37.44 19.89
N LEU E 102 25.03 -37.46 18.79
CA LEU E 102 24.92 -36.32 17.87
C LEU E 102 23.70 -35.39 18.01
N LEU E 103 22.91 -35.55 19.07
CA LEU E 103 21.75 -34.77 19.35
C LEU E 103 22.09 -33.28 19.55
N PRO E 104 23.06 -32.97 20.42
CA PRO E 104 23.26 -31.54 20.70
C PRO E 104 23.79 -30.78 19.48
N LEU E 105 24.72 -31.39 18.76
CA LEU E 105 25.19 -30.83 17.51
C LEU E 105 24.06 -30.65 16.50
N SER E 106 23.21 -31.67 16.37
CA SER E 106 22.10 -31.57 15.42
C SER E 106 21.10 -30.45 15.80
N PHE E 107 20.84 -30.26 17.08
CA PHE E 107 20.03 -29.14 17.53
C PHE E 107 20.67 -27.76 17.18
N LEU E 108 21.96 -27.63 17.37
CA LEU E 108 22.67 -26.41 17.00
C LEU E 108 22.49 -26.06 15.51
N VAL E 109 22.57 -27.07 14.66
CA VAL E 109 22.33 -26.91 13.23
C VAL E 109 20.90 -26.45 12.94
N ILE E 110 19.94 -27.15 13.50
CA ILE E 110 18.55 -26.91 13.19
C ILE E 110 18.09 -25.54 13.74
N ILE E 111 18.43 -25.29 14.98
CA ILE E 111 18.08 -24.00 15.61
C ILE E 111 18.65 -22.85 14.83
N GLN E 112 19.90 -22.91 14.44
CA GLN E 112 20.52 -21.80 13.68
C GLN E 112 19.88 -21.63 12.32
N MET E 113 19.67 -22.73 11.61
CA MET E 113 19.17 -22.67 10.23
C MET E 113 17.68 -22.37 10.15
N VAL E 114 16.95 -22.52 11.26
CA VAL E 114 15.53 -22.22 11.25
C VAL E 114 15.18 -21.03 12.13
N LEU E 115 15.50 -21.10 13.41
CA LEU E 115 15.07 -20.06 14.35
C LEU E 115 15.91 -18.82 14.25
N GLU E 116 17.24 -18.98 14.19
CA GLU E 116 18.11 -17.80 14.10
C GLU E 116 18.03 -17.09 12.74
N ALA E 117 17.85 -17.88 11.72
CA ALA E 117 17.51 -17.43 10.35
C ALA E 117 16.21 -16.64 10.31
N SER E 118 15.22 -17.09 11.09
CA SER E 118 13.93 -16.39 11.13
C SER E 118 14.07 -15.03 11.77
N LYS E 119 15.00 -14.94 12.74
CA LYS E 119 15.16 -13.69 13.53
C LYS E 119 15.92 -12.63 12.74
N PHE E 120 16.85 -13.05 11.88
CA PHE E 120 17.79 -12.14 11.23
C PHE E 120 17.92 -12.44 9.72
N ARG E 121 17.71 -11.40 8.91
CA ARG E 121 17.84 -11.50 7.45
C ARG E 121 19.25 -11.85 7.03
N PHE E 122 20.26 -11.36 7.74
CA PHE E 122 21.66 -11.71 7.41
C PHE E 122 21.91 -13.22 7.52
N ILE E 123 21.28 -13.87 8.50
CA ILE E 123 21.46 -15.30 8.68
C ILE E 123 20.65 -16.06 7.68
N GLU E 124 19.41 -15.64 7.49
CA GLU E 124 18.59 -16.19 6.39
C GLU E 124 19.36 -16.21 5.06
N GLN E 125 19.96 -15.08 4.72
CA GLN E 125 20.66 -14.94 3.44
C GLN E 125 21.90 -15.80 3.40
N SER E 126 22.66 -15.86 4.48
CA SER E 126 23.80 -16.77 4.55
C SER E 126 23.36 -18.23 4.27
N VAL E 127 22.26 -18.64 4.90
CA VAL E 127 21.79 -20.00 4.69
C VAL E 127 21.29 -20.22 3.26
N ALA E 128 20.53 -19.26 2.73
CA ALA E 128 20.01 -19.35 1.36
C ALA E 128 21.10 -19.58 0.33
N TYR E 129 22.25 -18.92 0.49
CA TYR E 129 23.40 -19.16 -0.38
C TYR E 129 23.91 -20.61 -0.34
N SER E 130 23.85 -21.23 0.82
CA SER E 130 24.34 -22.59 1.01
C SER E 130 23.41 -23.52 0.29
N PHE E 131 22.11 -23.20 0.23
CA PHE E 131 21.17 -23.96 -0.59
C PHE E 131 21.42 -23.79 -2.11
N LYS E 132 21.58 -22.58 -2.58
CA LYS E 132 21.62 -22.22 -3.97
C LYS E 132 22.88 -22.78 -4.55
N ASN E 133 24.00 -22.46 -3.92
CA ASN E 133 25.33 -22.89 -4.36
C ASN E 133 25.73 -24.28 -3.88
N GLU E 134 24.88 -24.95 -3.09
CA GLU E 134 25.22 -26.24 -2.51
C GLU E 134 26.62 -26.23 -1.90
N LYS E 135 26.85 -25.25 -1.05
CA LYS E 135 28.11 -25.07 -0.36
C LYS E 135 27.85 -24.70 1.11
N THR E 136 28.28 -25.61 1.98
CA THR E 136 28.25 -25.43 3.40
C THR E 136 29.20 -24.30 3.90
N PHE E 137 28.90 -23.78 5.08
CA PHE E 137 29.70 -22.66 5.66
C PHE E 137 29.79 -22.79 7.16
N LEU E 138 30.74 -22.10 7.74
CA LEU E 138 30.91 -22.09 9.22
C LEU E 138 30.68 -20.69 9.71
N PRO E 139 29.73 -20.47 10.63
CA PRO E 139 29.50 -19.13 11.17
C PRO E 139 30.73 -18.56 11.85
N ASP E 140 30.96 -17.28 11.63
CA ASP E 140 32.00 -16.57 12.39
C ASP E 140 31.28 -15.54 13.26
N LEU E 141 31.98 -14.46 13.65
CA LEU E 141 31.42 -13.52 14.62
C LEU E 141 30.20 -12.75 14.12
N ALA E 142 30.06 -12.60 12.82
CA ALA E 142 28.94 -11.92 12.27
C ALA E 142 27.62 -12.55 12.68
N ILE E 143 27.56 -13.86 12.41
CA ILE E 143 26.37 -14.69 12.74
C ILE E 143 26.29 -14.86 14.24
N VAL E 144 27.35 -15.27 14.89
CA VAL E 144 27.35 -15.59 16.32
C VAL E 144 26.93 -14.39 17.19
N SER E 145 27.41 -13.22 16.87
CA SER E 145 27.09 -11.99 17.63
C SER E 145 25.66 -11.60 17.49
N LEU E 146 25.04 -11.86 16.33
CA LEU E 146 23.58 -11.67 16.19
C LEU E 146 22.81 -12.64 17.09
N GLU E 147 23.19 -13.90 17.06
CA GLU E 147 22.51 -14.94 17.85
C GLU E 147 22.56 -14.64 19.34
N ASP E 148 23.76 -14.31 19.80
CA ASP E 148 24.01 -14.05 21.21
C ASP E 148 23.38 -12.76 21.72
N ASN E 149 23.11 -11.79 20.83
CA ASN E 149 22.58 -10.47 21.26
C ASN E 149 21.15 -10.22 20.91
N TRP E 150 20.44 -11.19 20.38
CA TRP E 150 19.03 -11.03 19.99
C TRP E 150 18.11 -10.48 21.06
N SER E 151 18.18 -11.09 22.25
CA SER E 151 17.43 -10.62 23.40
C SER E 151 17.74 -9.17 23.73
N GLU E 152 19.02 -8.86 23.84
CA GLU E 152 19.51 -7.54 24.12
C GLU E 152 19.13 -6.49 23.05
N ILE E 153 19.24 -6.87 21.79
CA ILE E 153 18.80 -6.00 20.67
C ILE E 153 17.34 -5.78 20.72
N SER E 154 16.54 -6.81 20.95
CA SER E 154 15.11 -6.61 21.13
C SER E 154 14.82 -5.59 22.26
N LEU E 155 15.49 -5.75 23.39
CA LEU E 155 15.31 -4.82 24.52
C LEU E 155 15.65 -3.40 24.12
N GLN E 156 16.78 -3.21 23.45
CA GLN E 156 17.23 -1.87 23.08
C GLN E 156 16.30 -1.21 22.05
N ILE E 157 15.76 -1.99 21.15
CA ILE E 157 14.76 -1.46 20.22
C ILE E 157 13.54 -0.95 20.97
N GLN E 158 13.03 -1.73 21.90
CA GLN E 158 11.88 -1.26 22.69
C GLN E 158 12.22 -0.05 23.54
N ALA E 159 13.40 -0.06 24.13
CA ALA E 159 13.89 1.01 24.96
C ALA E 159 14.01 2.29 24.16
N SER E 160 14.45 2.15 22.91
CA SER E 160 14.72 3.29 22.01
C SER E 160 13.53 4.14 21.69
N THR E 161 12.33 3.59 21.90
CA THR E 161 11.10 4.37 21.64
C THR E 161 10.93 5.53 22.62
N SER E 162 11.63 5.45 23.77
CA SER E 162 11.54 6.46 24.84
C SER E 162 12.53 7.59 24.63
N LEU E 163 13.51 7.44 23.74
CA LEU E 163 14.51 8.50 23.55
C LEU E 163 15.07 8.57 22.14
N GLN E 164 14.23 8.90 21.16
CA GLN E 164 14.65 9.31 19.83
C GLN E 164 15.46 8.24 19.07
N GLY E 165 15.16 6.96 19.32
CA GLY E 165 15.80 5.86 18.61
C GLY E 165 17.18 5.50 19.13
N LEU E 166 17.55 6.07 20.26
CA LEU E 166 18.82 5.73 20.89
C LEU E 166 18.66 4.56 21.86
N PHE E 167 19.63 3.69 21.87
CA PHE E 167 19.67 2.55 22.76
C PHE E 167 20.04 2.99 24.17
N GLY E 168 19.64 2.19 25.17
CA GLY E 168 20.08 2.32 26.54
C GLY E 168 21.48 1.81 26.76
N SER E 169 21.94 0.94 25.89
CA SER E 169 23.17 0.18 26.08
C SER E 169 23.79 -0.16 24.74
N VAL E 170 25.12 -0.21 24.67
CA VAL E 170 25.82 -0.57 23.43
C VAL E 170 25.74 -2.07 23.16
N VAL E 171 25.46 -2.45 21.92
CA VAL E 171 25.51 -3.84 21.48
C VAL E 171 26.73 -4.03 20.58
N GLU E 172 27.51 -5.08 20.79
CA GLU E 172 28.73 -5.31 20.03
C GLU E 172 28.51 -6.36 18.97
N LEU E 173 28.45 -5.93 17.71
CA LEU E 173 28.24 -6.84 16.58
C LEU E 173 29.48 -6.86 15.71
N TYR E 174 29.56 -7.85 14.84
CA TYR E 174 30.70 -7.96 13.95
C TYR E 174 30.26 -8.04 12.52
N ASN E 175 31.09 -7.55 11.61
CA ASN E 175 30.87 -7.75 10.17
C ASN E 175 31.57 -9.02 9.71
N SER E 176 31.45 -9.27 8.40
CA SER E 176 31.99 -10.50 7.79
C SER E 176 33.52 -10.60 7.79
N ASN E 177 34.21 -9.48 8.06
CA ASN E 177 35.67 -9.52 8.24
C ASN E 177 36.06 -9.50 9.72
N ASN E 178 35.12 -9.87 10.58
CA ASN E 178 35.32 -9.86 12.03
C ASN E 178 35.67 -8.50 12.66
N GLU E 179 35.27 -7.42 12.01
CA GLU E 179 35.54 -6.09 12.55
C GLU E 179 34.38 -5.71 13.45
N LEU E 180 34.68 -5.11 14.58
CA LEU E 180 33.68 -4.73 15.57
C LEU E 180 32.88 -3.54 15.08
N ILE E 181 31.56 -3.58 15.28
CA ILE E 181 30.68 -2.46 15.10
C ILE E 181 29.86 -2.29 16.36
N GLU E 182 30.16 -1.26 17.15
CA GLU E 182 29.40 -0.97 18.36
C GLU E 182 28.17 -0.14 17.99
N VAL E 183 27.00 -0.70 18.21
CA VAL E 183 25.75 -0.08 17.80
C VAL E 183 25.01 0.44 19.05
N ASP E 184 24.59 1.69 18.99
CA ASP E 184 23.92 2.31 20.14
C ASP E 184 22.69 3.08 19.72
N SER E 185 22.10 2.71 18.58
CA SER E 185 20.86 3.34 18.09
C SER E 185 20.22 2.46 17.06
N ILE E 186 18.96 2.75 16.74
CA ILE E 186 18.30 2.06 15.63
C ILE E 186 18.78 2.53 14.24
N TYR E 187 19.59 3.58 14.17
CA TYR E 187 19.90 4.22 12.91
C TYR E 187 21.06 3.46 12.23
N TYR E 188 21.06 2.15 12.33
CA TYR E 188 22.02 1.33 11.62
C TYR E 188 21.28 0.21 10.88
N PRO E 189 21.56 0.05 9.58
CA PRO E 189 20.84 -0.94 8.80
C PRO E 189 21.04 -2.37 9.30
N ILE E 190 22.17 -2.62 9.95
CA ILE E 190 22.40 -3.97 10.48
C ILE E 190 21.51 -4.30 11.66
N ILE E 191 20.76 -3.30 12.17
CA ILE E 191 19.69 -3.59 13.07
C ILE E 191 18.34 -3.47 12.39
N LEU E 192 18.04 -2.31 11.84
CA LEU E 192 16.74 -2.02 11.33
C LEU E 192 16.31 -2.84 10.12
N ALA E 193 17.25 -3.18 9.26
CA ALA E 193 16.96 -4.01 8.08
C ALA E 193 17.26 -5.48 8.30
N ASN E 194 17.68 -5.83 9.49
CA ASN E 194 18.21 -7.17 9.77
C ASN E 194 17.17 -7.92 10.61
N VAL E 195 16.73 -7.27 11.68
CA VAL E 195 15.92 -7.94 12.73
C VAL E 195 14.52 -8.12 12.27
N ALA E 196 14.10 -9.37 12.03
CA ALA E 196 12.82 -9.71 11.45
C ALA E 196 11.79 -10.04 12.52
N LEU E 197 12.23 -10.54 13.68
CA LEU E 197 11.38 -10.74 14.82
C LEU E 197 12.07 -10.26 16.08
N GLN E 198 11.31 -9.67 16.99
CA GLN E 198 11.89 -9.27 18.27
C GLN E 198 11.15 -9.86 19.46
N LEU E 199 11.97 -10.20 20.46
CA LEU E 199 11.50 -10.67 21.76
C LEU E 199 10.77 -9.55 22.51
N TYR E 200 9.58 -9.85 23.00
CA TYR E 200 8.84 -8.93 23.86
C TYR E 200 9.50 -8.63 25.21
N HIS E 201 9.72 -7.38 25.53
CA HIS E 201 10.22 -6.95 26.84
C HIS E 201 9.20 -5.99 27.47
N CYS E 202 8.76 -4.99 26.68
CA CYS E 202 7.97 -3.90 27.21
C CYS E 202 6.86 -3.44 26.28
N GLN E 203 5.80 -2.87 26.89
CA GLN E 203 4.70 -2.24 26.18
C GLN E 203 5.06 -0.78 25.81
N VAL E 204 5.57 -0.65 24.60
CA VAL E 204 5.98 0.68 24.05
C VAL E 204 5.40 0.87 22.65
N SER E 205 5.70 1.99 21.98
CA SER E 205 5.12 2.29 20.64
C SER E 205 5.84 3.35 19.75
N THR E 206 5.72 3.15 18.43
CA THR E 206 6.26 4.06 17.40
C THR E 206 5.14 4.50 16.48
N ASN F 1 19.79 -2.51 32.43
CA ASN F 1 18.71 -2.87 31.43
C ASN F 1 17.31 -2.44 31.82
N GLU F 2 16.80 -1.43 31.12
CA GLU F 2 15.52 -0.80 31.37
C GLU F 2 14.98 -0.25 30.05
N CYS F 3 13.65 -0.18 29.96
CA CYS F 3 12.99 0.25 28.78
C CYS F 3 12.85 1.75 28.72
N LEU F 4 13.42 2.44 29.70
CA LEU F 4 13.41 3.88 29.67
C LEU F 4 14.84 4.34 29.56
N VAL F 5 15.13 5.24 28.60
CA VAL F 5 16.46 5.77 28.47
C VAL F 5 16.39 7.26 28.77
N GLU F 6 17.12 7.69 29.81
CA GLU F 6 16.88 9.01 30.42
C GLU F 6 17.65 10.08 29.68
N THR F 7 18.99 9.89 29.67
CA THR F 7 19.89 10.63 28.78
C THR F 7 20.93 9.70 28.16
N ARG F 8 21.36 10.02 26.94
CA ARG F 8 22.44 9.32 26.26
C ARG F 8 23.35 10.26 25.49
N THR F 9 24.68 10.01 25.62
CA THR F 9 25.69 10.79 24.94
C THR F 9 26.14 10.00 23.76
N THR F 10 25.97 10.57 22.53
CA THR F 10 26.40 9.90 21.28
C THR F 10 27.06 10.90 20.29
N ARG F 11 27.25 10.51 19.03
CA ARG F 11 27.66 11.46 17.99
C ARG F 11 26.60 11.59 16.92
N ILE F 12 26.72 12.64 16.12
CA ILE F 12 25.82 12.83 14.99
C ILE F 12 26.67 12.98 13.75
N SER F 13 26.49 12.07 12.82
CA SER F 13 27.27 12.09 11.55
C SER F 13 26.29 12.33 10.39
N GLY F 14 26.68 13.19 9.49
CA GLY F 14 25.92 13.54 8.31
C GLY F 14 26.67 13.37 6.99
N ARG F 15 26.72 14.46 6.22
CA ARG F 15 27.34 14.51 4.91
C ARG F 15 28.81 14.10 4.89
N ASP F 16 29.14 13.43 3.79
CA ASP F 16 30.51 12.96 3.50
C ASP F 16 31.11 12.27 4.73
N ALA F 17 30.23 11.73 5.58
CA ALA F 17 30.60 11.00 6.80
C ALA F 17 31.18 11.89 7.89
N LEU F 18 30.91 13.18 7.82
CA LEU F 18 31.52 14.10 8.77
C LEU F 18 30.56 14.31 9.92
N CYS F 19 31.11 14.83 11.02
CA CYS F 19 30.36 14.97 12.29
C CYS F 19 29.92 16.41 12.60
N VAL F 20 28.89 16.48 13.38
CA VAL F 20 28.33 17.72 13.91
C VAL F 20 29.18 18.17 15.08
N ASP F 21 29.78 19.37 14.99
CA ASP F 21 30.91 19.86 15.73
C ASP F 21 30.57 21.33 16.12
N VAL F 22 30.65 21.63 17.42
CA VAL F 22 30.42 22.99 17.86
C VAL F 22 31.72 23.79 17.61
N ALA F 23 31.57 24.85 16.79
CA ALA F 23 32.71 25.57 16.19
C ALA F 23 33.81 25.91 17.16
N GLY F 24 35.02 25.36 16.92
CA GLY F 24 36.20 25.56 17.80
C GLY F 24 36.05 25.39 19.31
N ALA F 25 35.10 24.56 19.72
CA ALA F 25 34.81 24.29 21.13
C ALA F 25 34.44 25.59 21.88
N LEU F 26 33.80 26.52 21.17
CA LEU F 26 33.28 27.73 21.79
C LEU F 26 32.08 27.41 22.68
N THR F 27 32.01 28.03 23.89
CA THR F 27 30.97 27.69 24.84
C THR F 27 29.85 28.75 24.95
N SER F 28 30.08 29.94 24.40
CA SER F 28 29.17 31.05 24.52
C SER F 28 27.82 30.89 23.79
N ASP F 29 26.82 31.54 24.36
CA ASP F 29 25.45 31.52 23.82
C ASP F 29 25.50 32.13 22.42
N GLY F 30 24.92 31.44 21.44
CA GLY F 30 25.12 31.81 20.03
C GLY F 30 26.32 31.21 19.33
N SER F 31 27.14 30.38 19.98
CA SER F 31 28.20 29.67 19.23
C SER F 31 27.65 28.69 18.18
N ARG F 32 28.05 28.90 16.93
CA ARG F 32 27.58 28.12 15.78
C ARG F 32 28.15 26.70 15.75
N LEU F 33 27.50 25.84 15.00
CA LEU F 33 27.84 24.41 14.80
C LEU F 33 28.18 24.18 13.32
N ILE F 34 29.11 23.32 13.10
CA ILE F 34 29.66 23.05 11.77
C ILE F 34 29.79 21.57 11.49
N LEU F 35 30.22 21.22 10.29
CA LEU F 35 30.56 19.86 9.93
C LEU F 35 32.09 19.74 10.03
N TYR F 36 32.60 18.65 10.59
CA TYR F 36 34.03 18.54 10.83
C TYR F 36 34.44 17.07 10.96
N PRO F 37 35.69 16.75 10.56
CA PRO F 37 36.16 15.36 10.76
C PRO F 37 35.98 14.84 12.19
N CYS F 38 35.39 13.65 12.28
CA CYS F 38 34.93 13.02 13.51
C CYS F 38 36.07 12.62 14.40
N GLY F 39 35.87 12.80 15.67
CA GLY F 39 36.90 12.57 16.69
C GLY F 39 36.26 12.46 18.04
N GLN F 40 37.10 12.36 19.07
CA GLN F 40 36.66 12.14 20.45
C GLN F 40 36.38 13.44 21.22
N GLN F 41 36.42 14.59 20.56
CA GLN F 41 36.41 15.88 21.25
C GLN F 41 35.04 16.22 21.81
N VAL F 42 35.02 16.80 22.99
CA VAL F 42 33.76 17.09 23.71
C VAL F 42 32.69 17.85 22.96
N ASN F 43 33.13 18.74 22.06
CA ASN F 43 32.25 19.55 21.19
C ASN F 43 31.61 18.74 20.04
N GLN F 44 32.00 17.45 19.90
CA GLN F 44 31.31 16.53 19.00
C GLN F 44 30.37 15.52 19.69
N LYS F 45 30.39 15.52 21.02
CA LYS F 45 29.52 14.70 21.85
C LYS F 45 28.20 15.39 22.00
N TRP F 46 27.09 14.69 21.67
CA TRP F 46 25.77 15.23 21.78
C TRP F 46 24.92 14.36 22.69
N THR F 47 24.34 15.01 23.73
CA THR F 47 23.58 14.36 24.73
C THR F 47 22.11 14.64 24.56
N PHE F 48 21.34 13.55 24.36
CA PHE F 48 19.87 13.63 24.20
C PHE F 48 19.19 13.40 25.52
N HIS F 49 18.25 14.29 25.92
CA HIS F 49 17.60 14.29 27.22
C HIS F 49 16.12 13.97 27.08
N SER F 50 15.49 13.54 28.17
CA SER F 50 14.11 13.04 28.14
C SER F 50 13.06 14.09 27.59
N ASP F 51 13.32 15.36 27.87
CA ASP F 51 12.57 16.48 27.39
C ASP F 51 12.57 16.75 25.90
N GLY F 52 13.54 16.21 25.17
CA GLY F 52 13.59 16.33 23.75
C GLY F 52 14.65 17.35 23.27
N THR F 53 15.48 17.82 24.19
CA THR F 53 16.59 18.64 23.89
C THR F 53 17.84 17.84 23.56
N VAL F 54 18.70 18.45 22.79
CA VAL F 54 19.94 17.79 22.32
C VAL F 54 21.07 18.76 22.66
N ARG F 55 22.08 18.32 23.41
CA ARG F 55 23.03 19.22 24.03
C ARG F 55 24.47 18.85 23.85
N SER F 56 25.29 19.88 23.68
CA SER F 56 26.72 19.77 23.83
C SER F 56 27.26 20.80 24.74
N LEU F 57 28.35 20.49 25.45
CA LEU F 57 28.97 21.43 26.43
C LEU F 57 27.95 22.01 27.45
N GLY F 58 26.97 21.18 27.79
CA GLY F 58 25.93 21.53 28.76
C GLY F 58 24.92 22.56 28.27
N LYS F 59 24.86 22.80 27.00
CA LYS F 59 24.09 23.88 26.37
C LYS F 59 23.38 23.30 25.11
N CYS F 60 22.18 23.85 24.85
CA CYS F 60 21.20 23.26 23.98
C CYS F 60 21.28 23.69 22.50
N LEU F 61 21.21 22.73 21.59
CA LEU F 61 20.93 23.00 20.17
C LEU F 61 19.62 23.77 19.93
N ALA F 62 19.67 24.76 19.06
CA ALA F 62 18.59 25.76 18.94
C ALA F 62 18.50 26.43 17.59
N THR F 63 17.29 26.83 17.22
CA THR F 63 16.99 27.55 15.99
C THR F 63 15.89 28.60 16.20
N ASN F 64 16.06 29.73 15.54
CA ASN F 64 15.10 30.86 15.62
C ASN F 64 15.43 31.87 14.50
N ASN F 65 14.44 32.11 13.65
CA ASN F 65 14.65 33.00 12.46
C ASN F 65 14.80 34.47 12.87
N SER F 66 14.02 34.93 13.84
CA SER F 66 14.13 36.23 14.39
C SER F 66 15.48 36.53 14.99
N LYS F 67 16.07 35.59 15.75
CA LYS F 67 17.28 35.78 16.50
C LYS F 67 18.54 35.37 15.76
N PHE F 68 18.53 34.23 15.09
CA PHE F 68 19.73 33.73 14.41
C PHE F 68 19.58 33.61 12.89
N GLY F 69 18.41 33.99 12.39
CA GLY F 69 18.15 33.77 10.91
C GLY F 69 18.12 32.28 10.54
N ASN F 70 18.91 31.92 9.52
CA ASN F 70 18.95 30.59 8.94
C ASN F 70 19.85 29.57 9.74
N LEU F 71 20.69 30.12 10.59
CA LEU F 71 21.74 29.39 11.30
C LEU F 71 21.21 28.61 12.52
N VAL F 72 21.89 27.50 12.78
CA VAL F 72 21.59 26.61 13.90
C VAL F 72 22.73 26.74 14.92
N VAL F 73 22.36 26.88 16.16
CA VAL F 73 23.30 27.37 17.18
C VAL F 73 23.04 26.71 18.50
N ILE F 74 24.05 26.72 19.37
CA ILE F 74 23.88 26.36 20.79
C ILE F 74 23.58 27.60 21.65
N TYR F 75 22.73 27.36 22.63
CA TYR F 75 22.18 28.42 23.51
C TYR F 75 21.66 27.80 24.81
N ASP F 76 21.57 28.60 25.86
CA ASP F 76 21.13 28.14 27.15
C ASP F 76 19.65 27.74 27.13
N CYS F 77 19.39 26.62 27.76
CA CYS F 77 17.99 26.10 27.80
C CYS F 77 17.11 27.00 28.69
N SER F 78 17.68 27.48 29.78
CA SER F 78 16.92 28.40 30.69
C SER F 78 16.53 29.72 29.98
N LYS F 79 17.46 30.24 29.17
CA LYS F 79 17.20 31.54 28.47
C LYS F 79 16.26 31.38 27.26
N LEU F 80 16.54 30.44 26.34
CA LEU F 80 15.74 30.41 25.08
C LEU F 80 14.41 29.68 25.21
N ALA F 81 13.37 30.09 24.46
CA ALA F 81 12.04 29.56 24.62
C ALA F 81 11.91 28.08 24.28
N ALA F 82 11.00 27.40 24.99
CA ALA F 82 10.72 25.98 24.91
C ALA F 82 10.58 25.45 23.48
N GLU F 83 9.97 26.26 22.62
CA GLU F 83 9.74 25.87 21.22
C GLU F 83 11.00 25.67 20.38
N ASP F 84 12.00 26.51 20.60
CA ASP F 84 13.21 26.50 19.76
C ASP F 84 14.14 25.32 20.10
N ILE F 85 14.16 24.97 21.38
CA ILE F 85 15.01 23.91 21.92
C ILE F 85 14.74 22.43 21.53
N SER F 86 13.47 22.06 21.34
CA SER F 86 13.06 20.71 21.07
C SER F 86 13.49 20.06 19.73
N TRP F 87 13.66 18.75 19.69
CA TRP F 87 14.07 18.09 18.46
C TRP F 87 13.44 16.71 18.28
N ASP F 88 13.36 16.28 17.04
CA ASP F 88 12.82 14.95 16.70
C ASP F 88 13.75 14.31 15.66
N VAL F 89 14.17 13.07 15.90
CA VAL F 89 14.96 12.31 14.93
C VAL F 89 14.09 11.18 14.35
N SER F 90 14.12 11.05 13.04
CA SER F 90 13.29 10.03 12.33
C SER F 90 14.17 8.91 11.83
N VAL F 91 13.56 7.76 11.58
CA VAL F 91 14.23 6.57 11.07
C VAL F 91 14.96 6.86 9.75
N GLY F 92 14.33 7.72 8.95
CA GLY F 92 14.84 8.15 7.65
C GLY F 92 16.01 9.12 7.68
N GLY F 93 16.44 9.56 8.85
CA GLY F 93 17.63 10.40 9.01
C GLY F 93 17.39 11.90 9.09
N THR F 94 16.11 12.29 9.16
CA THR F 94 15.73 13.70 9.23
C THR F 94 15.73 14.15 10.72
N ILE F 95 16.45 15.22 10.98
CA ILE F 95 16.47 15.87 12.28
C ILE F 95 15.68 17.20 12.11
N MET F 96 14.59 17.38 12.87
CA MET F 96 13.58 18.48 12.69
C MET F 96 13.25 19.15 14.05
N ASN F 97 12.70 20.32 14.03
CA ASN F 97 12.08 20.87 15.25
C ASN F 97 10.61 20.73 14.91
N PRO F 98 9.79 20.14 15.79
CA PRO F 98 8.33 20.05 15.50
C PRO F 98 7.57 21.35 15.23
N ASN F 99 8.07 22.46 15.79
CA ASN F 99 7.49 23.80 15.59
C ASN F 99 7.84 24.44 14.24
N TYR F 100 8.95 24.04 13.62
CA TYR F 100 9.34 24.54 12.31
C TYR F 100 9.29 23.42 11.31
N GLU F 101 8.07 23.00 10.99
CA GLU F 101 7.83 21.71 10.33
C GLU F 101 8.28 21.59 8.87
N ASP F 102 8.32 22.71 8.16
CA ASP F 102 8.84 22.72 6.79
C ASP F 102 10.36 22.68 6.72
N LEU F 103 11.02 22.96 7.82
CA LEU F 103 12.46 23.03 7.90
C LEU F 103 13.14 21.81 8.47
N ALA F 104 14.45 21.68 8.25
CA ALA F 104 15.18 20.45 8.58
C ALA F 104 16.68 20.71 8.59
N LEU F 105 17.39 20.00 9.46
CA LEU F 105 18.81 20.25 9.65
C LEU F 105 19.60 19.98 8.39
N THR F 106 20.39 20.96 7.95
CA THR F 106 21.06 20.86 6.63
C THR F 106 22.50 21.31 6.71
N SER F 107 23.35 20.73 5.86
CA SER F 107 24.69 21.21 5.57
C SER F 107 24.79 21.47 4.06
N ASN F 108 24.64 22.73 3.69
CA ASN F 108 24.62 23.14 2.28
C ASN F 108 25.91 22.85 1.50
N LYS F 109 27.05 22.65 2.17
CA LYS F 109 28.23 22.22 1.45
C LYS F 109 28.81 20.95 2.02
N ALA F 110 29.60 20.25 1.22
CA ALA F 110 30.18 18.96 1.65
C ALA F 110 31.53 19.19 2.31
N THR F 111 32.13 20.35 2.09
CA THR F 111 33.43 20.66 2.63
C THR F 111 33.41 20.93 4.15
N ARG F 112 34.53 20.66 4.79
CA ARG F 112 34.68 20.84 6.23
C ARG F 112 34.63 22.32 6.64
N SER F 113 34.15 22.52 7.85
CA SER F 113 33.97 23.87 8.49
C SER F 113 32.73 24.63 8.01
N THR F 114 31.76 23.96 7.40
CA THR F 114 30.60 24.72 6.85
C THR F 114 29.50 24.85 7.88
N ASN F 115 29.03 26.08 8.13
CA ASN F 115 27.96 26.37 9.06
C ASN F 115 26.68 25.61 8.72
N LEU F 116 26.10 25.00 9.78
CA LEU F 116 24.85 24.21 9.61
C LEU F 116 23.67 25.15 9.69
N THR F 117 22.64 24.84 8.91
CA THR F 117 21.47 25.68 8.86
C THR F 117 20.18 24.92 8.68
N MET F 118 19.10 25.59 9.09
CA MET F 118 17.73 25.03 8.90
C MET F 118 17.10 25.47 7.59
N GLU F 119 17.17 24.61 6.57
CA GLU F 119 16.63 24.90 5.25
C GLU F 119 15.32 24.17 5.06
N VAL F 120 14.68 24.47 3.94
CA VAL F 120 13.43 23.80 3.57
C VAL F 120 13.69 22.33 3.31
N ASN F 121 12.87 21.44 3.88
CA ASN F 121 13.11 20.01 3.82
C ASN F 121 12.67 19.43 2.47
N THR F 122 13.67 19.00 1.68
CA THR F 122 13.49 18.27 0.44
C THR F 122 13.95 16.82 0.53
N TYR F 123 14.28 16.34 1.73
CA TYR F 123 14.80 15.02 1.97
C TYR F 123 16.03 14.73 1.11
N SER F 124 16.93 15.70 1.16
CA SER F 124 18.20 15.64 0.43
C SER F 124 19.25 14.96 1.29
N ALA F 125 20.27 14.47 0.59
CA ALA F 125 21.43 13.83 1.16
C ALA F 125 22.31 14.76 1.93
N SER F 126 22.04 16.07 1.85
CA SER F 126 22.65 17.06 2.75
C SER F 126 21.79 17.31 3.99
N GLN F 127 20.60 16.68 4.04
CA GLN F 127 19.68 16.76 5.19
C GLN F 127 19.49 15.43 5.93
N GLY F 128 20.36 14.46 5.60
CA GLY F 128 20.37 13.08 6.12
C GLY F 128 21.42 12.91 7.18
N TRP F 129 21.00 12.38 8.33
CA TRP F 129 21.89 12.21 9.45
C TRP F 129 21.78 10.87 10.13
N ARG F 130 22.85 10.50 10.82
CA ARG F 130 22.87 9.28 11.58
C ARG F 130 23.13 9.68 13.02
N VAL F 131 22.24 9.32 13.92
CA VAL F 131 22.42 9.63 15.33
C VAL F 131 23.00 8.32 15.81
N GLY F 132 24.20 8.36 16.37
CA GLY F 132 24.88 7.11 16.68
C GLY F 132 26.36 7.30 16.73
N ASN F 133 27.03 6.53 17.59
CA ASN F 133 28.40 6.79 17.97
C ASN F 133 29.43 6.20 17.00
N TYR F 134 28.99 5.19 16.24
CA TYR F 134 29.79 4.62 15.18
C TYR F 134 29.49 5.40 13.90
N VAL F 135 30.49 6.12 13.44
CA VAL F 135 30.33 7.13 12.37
C VAL F 135 30.77 6.66 11.03
N GLN F 136 31.54 5.57 11.00
CA GLN F 136 32.11 5.04 9.75
C GLN F 136 31.06 4.43 8.84
N PRO F 137 31.24 4.56 7.51
CA PRO F 137 30.53 3.84 6.48
C PRO F 137 30.43 2.33 6.71
N ILE F 138 29.29 1.73 6.44
CA ILE F 138 29.13 0.30 6.58
C ILE F 138 29.22 -0.36 5.20
N ILE F 139 30.23 -1.22 5.06
CA ILE F 139 30.52 -1.93 3.83
C ILE F 139 29.71 -3.22 3.73
N GLY F 140 29.07 -3.45 2.58
CA GLY F 140 28.62 -4.79 2.24
C GLY F 140 28.16 -4.95 0.82
N SER F 141 27.69 -6.15 0.50
CA SER F 141 26.97 -6.41 -0.75
C SER F 141 25.50 -6.09 -0.53
N ILE F 142 24.82 -5.83 -1.62
CA ILE F 142 23.39 -5.64 -1.57
C ILE F 142 22.75 -6.69 -2.44
N VAL F 143 21.94 -7.56 -1.82
CA VAL F 143 21.41 -8.76 -2.45
C VAL F 143 19.95 -8.60 -2.76
N GLY F 144 19.58 -8.80 -4.05
CA GLY F 144 18.21 -8.74 -4.49
C GLY F 144 17.69 -10.10 -4.87
N LEU F 145 16.68 -10.09 -5.71
CA LEU F 145 16.10 -11.28 -6.31
C LEU F 145 17.01 -12.30 -6.96
N ASP F 146 16.67 -13.56 -6.74
CA ASP F 146 17.43 -14.70 -7.22
C ASP F 146 18.80 -14.71 -6.55
N ASP F 147 18.87 -14.10 -5.37
CA ASP F 147 20.10 -14.06 -4.57
C ASP F 147 21.28 -13.46 -5.30
N MET F 148 20.99 -12.52 -6.17
CA MET F 148 21.99 -11.83 -6.98
C MET F 148 22.37 -10.52 -6.35
N CYS F 149 23.58 -10.04 -6.67
CA CYS F 149 24.19 -8.87 -6.06
C CYS F 149 24.20 -7.64 -6.98
N LEU F 150 23.91 -6.46 -6.43
CA LEU F 150 24.09 -5.20 -7.18
C LEU F 150 25.54 -4.99 -7.53
N GLU F 151 25.79 -4.75 -8.81
CA GLU F 151 27.15 -4.50 -9.29
C GLU F 151 27.30 -3.16 -10.01
N ALA F 152 28.39 -2.48 -9.73
CA ALA F 152 28.73 -1.22 -10.41
C ALA F 152 29.40 -1.56 -11.74
N THR F 153 28.69 -1.33 -12.82
CA THR F 153 29.11 -1.65 -14.20
C THR F 153 29.41 -0.41 -15.03
N ASP F 154 30.01 -0.67 -16.22
CA ASP F 154 30.45 0.33 -17.20
C ASP F 154 31.36 1.38 -16.59
N GLY F 155 32.46 0.91 -16.00
CA GLY F 155 33.42 1.78 -15.30
C GLY F 155 32.75 2.64 -14.23
N ASN F 156 31.98 1.98 -13.37
CA ASN F 156 31.26 2.70 -12.30
C ASN F 156 30.34 3.84 -12.79
N THR F 157 29.52 3.58 -13.79
CA THR F 157 28.52 4.53 -14.24
C THR F 157 27.11 3.98 -14.28
N ASN F 158 26.97 2.67 -14.41
CA ASN F 158 25.65 2.00 -14.26
C ASN F 158 25.60 0.96 -13.15
N MET F 159 24.39 0.50 -12.84
CA MET F 159 24.16 -0.47 -11.77
C MET F 159 23.06 -1.49 -12.06
N TRP F 160 23.35 -2.78 -11.97
CA TRP F 160 22.33 -3.81 -12.09
C TRP F 160 22.81 -5.12 -11.39
N LEU F 161 21.95 -6.13 -11.43
CA LEU F 161 22.19 -7.37 -10.74
C LEU F 161 23.03 -8.39 -11.52
N GLU F 162 24.09 -8.85 -10.89
CA GLU F 162 24.91 -9.92 -11.38
C GLU F 162 24.95 -11.01 -10.34
N GLU F 163 25.39 -12.21 -10.76
CA GLU F 163 25.60 -13.32 -9.84
C GLU F 163 26.73 -12.92 -8.93
N CYS F 164 26.53 -13.19 -7.63
CA CYS F 164 27.50 -12.76 -6.60
C CYS F 164 28.79 -13.51 -6.73
N VAL F 165 29.89 -12.77 -6.94
CA VAL F 165 31.24 -13.28 -6.93
C VAL F 165 31.89 -12.71 -5.67
N PRO F 166 32.22 -13.60 -4.70
CA PRO F 166 32.67 -13.07 -3.40
C PRO F 166 33.96 -12.25 -3.51
N ASN F 167 33.98 -11.10 -2.84
CA ASN F 167 35.09 -10.18 -2.85
C ASN F 167 35.37 -9.51 -4.22
N GLN F 168 34.42 -9.54 -5.14
CA GLN F 168 34.50 -8.73 -6.35
C GLN F 168 34.31 -7.29 -5.87
N ARG F 169 35.22 -6.42 -6.31
CA ARG F 169 35.32 -5.05 -5.81
C ARG F 169 34.10 -4.22 -6.18
N GLU F 170 33.57 -4.50 -7.37
CA GLU F 170 32.45 -3.73 -7.92
C GLU F 170 31.13 -4.10 -7.30
N GLN F 171 31.10 -5.20 -6.54
CA GLN F 171 29.89 -5.60 -5.80
C GLN F 171 29.89 -5.16 -4.34
N SER F 172 30.86 -4.35 -3.95
CA SER F 172 30.96 -3.79 -2.62
C SER F 172 30.48 -2.33 -2.60
N TRP F 173 29.62 -2.05 -1.64
CA TRP F 173 28.97 -0.75 -1.47
C TRP F 173 29.20 -0.23 -0.07
N ALA F 174 29.28 1.09 0.06
CA ALA F 174 29.57 1.72 1.33
C ALA F 174 28.42 2.64 1.67
N LEU F 175 27.74 2.34 2.80
CA LEU F 175 26.61 3.08 3.28
C LEU F 175 27.04 4.19 4.26
N TYR F 176 26.80 5.44 3.87
CA TYR F 176 27.25 6.58 4.64
C TYR F 176 26.11 7.13 5.48
N SER F 177 26.53 7.97 6.43
CA SER F 177 25.65 8.60 7.44
C SER F 177 24.62 9.55 6.82
N ASP F 178 24.96 10.14 5.67
CA ASP F 178 24.06 10.98 4.90
C ASP F 178 22.99 10.21 4.16
N GLY F 179 23.05 8.87 4.18
CA GLY F 179 22.06 8.08 3.53
C GLY F 179 22.42 7.73 2.11
N THR F 180 23.67 8.01 1.75
CA THR F 180 24.16 7.66 0.41
C THR F 180 24.65 6.25 0.43
N ILE F 181 24.50 5.58 -0.73
CA ILE F 181 25.17 4.30 -1.04
C ILE F 181 26.24 4.63 -2.08
N ARG F 182 27.48 4.38 -1.73
CA ARG F 182 28.61 4.76 -2.54
C ARG F 182 29.45 3.56 -3.02
N VAL F 183 30.07 3.74 -4.18
CA VAL F 183 30.90 2.71 -4.75
C VAL F 183 32.12 2.58 -3.88
N ASP F 184 32.43 1.36 -3.49
CA ASP F 184 33.41 1.11 -2.44
C ASP F 184 34.78 1.59 -2.95
N ASP F 185 35.11 1.20 -4.18
CA ASP F 185 36.40 1.58 -4.78
C ASP F 185 36.45 3.03 -5.26
N ASN F 186 35.34 3.78 -5.28
CA ASN F 186 35.42 5.23 -5.50
C ASN F 186 34.37 6.00 -4.70
N ARG F 187 34.76 6.55 -3.56
CA ARG F 187 33.80 7.12 -2.61
C ARG F 187 33.25 8.48 -3.05
N GLU F 188 33.67 8.96 -4.22
CA GLU F 188 33.05 10.20 -4.78
C GLU F 188 31.83 9.83 -5.61
N LEU F 189 31.58 8.55 -5.80
CA LEU F 189 30.48 8.06 -6.64
C LEU F 189 29.31 7.47 -5.88
N CYS F 190 28.09 8.00 -6.14
CA CYS F 190 26.88 7.67 -5.42
C CYS F 190 25.87 6.98 -6.29
N VAL F 191 25.17 6.01 -5.74
CA VAL F 191 23.97 5.44 -6.36
C VAL F 191 22.96 6.54 -6.37
N THR F 192 22.38 6.80 -7.56
CA THR F 192 21.55 8.00 -7.84
C THR F 192 20.38 7.62 -8.69
N ALA F 193 19.24 8.22 -8.47
CA ALA F 193 18.07 8.11 -9.33
C ALA F 193 18.11 9.15 -10.51
N SER F 194 18.31 8.69 -11.75
CA SER F 194 18.59 9.61 -12.88
C SER F 194 17.35 10.37 -13.33
N SER F 195 17.52 11.35 -14.23
CA SER F 195 16.36 11.93 -14.93
C SER F 195 15.93 11.00 -16.07
N SER F 196 16.86 10.18 -16.57
CA SER F 196 16.56 9.09 -17.48
C SER F 196 15.52 8.12 -16.92
N THR F 197 14.55 7.71 -17.72
CA THR F 197 13.46 6.84 -17.18
C THR F 197 13.24 5.60 -17.99
N TYR F 198 12.75 4.51 -17.35
CA TYR F 198 12.31 3.30 -18.00
C TYR F 198 10.91 2.92 -17.49
N ASP F 199 9.97 2.77 -18.42
CA ASP F 199 8.54 2.64 -18.13
C ASP F 199 8.04 3.83 -17.25
N ASN F 200 8.53 5.03 -17.54
CA ASN F 200 8.26 6.24 -16.78
C ASN F 200 8.57 6.19 -15.30
N TRP F 201 9.68 5.48 -14.96
CA TRP F 201 10.28 5.48 -13.62
C TRP F 201 11.80 5.80 -13.73
N LYS F 202 12.34 6.49 -12.75
CA LYS F 202 13.74 6.88 -12.85
C LYS F 202 14.62 5.63 -12.81
N VAL F 203 15.53 5.52 -13.75
CA VAL F 203 16.54 4.49 -13.75
C VAL F 203 17.64 4.91 -12.75
N ILE F 204 18.16 3.92 -12.02
CA ILE F 204 19.17 4.16 -11.04
C ILE F 204 20.53 3.90 -11.63
N THR F 205 21.45 4.85 -11.41
CA THR F 205 22.76 4.81 -12.03
C THR F 205 23.74 5.34 -11.00
N ILE F 206 25.03 5.39 -11.38
CA ILE F 206 26.08 5.89 -10.48
C ILE F 206 26.58 7.24 -11.01
N LEU F 207 26.42 8.30 -10.22
CA LEU F 207 26.98 9.61 -10.57
C LEU F 207 27.80 10.19 -9.42
N ASN F 208 28.45 11.32 -9.67
CA ASN F 208 29.23 12.00 -8.62
C ASN F 208 28.28 12.39 -7.48
N CYS F 209 28.73 12.16 -6.25
CA CYS F 209 27.98 12.60 -5.08
C CYS F 209 27.88 14.11 -5.06
N ASP F 210 26.66 14.64 -5.07
CA ASP F 210 26.38 16.08 -5.09
C ASP F 210 25.50 16.57 -3.96
N GLY F 211 25.17 15.69 -2.99
CA GLY F 211 24.26 16.00 -1.90
C GLY F 211 22.83 16.35 -2.25
N SER F 212 22.36 15.91 -3.42
CA SER F 212 20.97 16.12 -3.86
C SER F 212 19.95 15.18 -3.17
N ASN F 213 18.67 15.39 -3.46
CA ASN F 213 17.62 14.42 -3.10
C ASN F 213 17.39 13.23 -4.01
N ASN F 214 18.40 12.92 -4.84
CA ASN F 214 18.35 11.73 -5.66
C ASN F 214 19.32 10.67 -5.16
N GLN F 215 20.07 10.95 -4.10
CA GLN F 215 21.19 10.11 -3.68
C GLN F 215 21.06 9.65 -2.23
N ARG F 216 19.82 9.83 -1.68
CA ARG F 216 19.53 9.53 -0.26
C ARG F 216 18.54 8.36 -0.13
N TRP F 217 18.98 7.32 0.54
CA TRP F 217 18.27 6.06 0.62
C TRP F 217 18.22 5.55 2.07
N VAL F 218 17.12 4.91 2.46
CA VAL F 218 17.05 4.25 3.74
C VAL F 218 16.58 2.77 3.61
N PHE F 219 17.37 1.87 4.21
CA PHE F 219 17.08 0.46 4.27
C PHE F 219 16.08 0.15 5.36
N LEU F 220 14.86 -0.22 5.03
CA LEU F 220 13.78 -0.24 6.01
C LEU F 220 13.50 -1.68 6.48
N ALA F 221 12.68 -1.81 7.53
CA ALA F 221 12.29 -3.09 8.08
C ALA F 221 11.51 -4.01 7.16
N ASP F 222 10.87 -3.44 6.13
CA ASP F 222 10.13 -4.23 5.13
C ASP F 222 11.04 -4.84 4.08
N GLY F 223 12.35 -4.65 4.21
CA GLY F 223 13.29 -5.07 3.18
C GLY F 223 13.43 -4.17 1.98
N SER F 224 12.70 -3.05 1.94
CA SER F 224 12.90 -2.05 0.83
C SER F 224 14.13 -1.18 0.99
N ILE F 225 14.60 -0.65 -0.12
CA ILE F 225 15.61 0.42 -0.12
C ILE F 225 14.84 1.62 -0.64
N SER F 226 14.48 2.53 0.25
CA SER F 226 13.49 3.56 -0.01
C SER F 226 14.01 4.99 0.10
N THR F 227 13.24 5.93 -0.46
CA THR F 227 13.53 7.36 -0.30
C THR F 227 12.90 7.80 1.02
N PRO F 228 13.55 8.74 1.72
CA PRO F 228 12.99 9.18 3.00
C PRO F 228 11.79 10.08 2.74
N GLY F 229 11.03 10.32 3.80
CA GLY F 229 9.86 11.25 3.73
C GLY F 229 8.62 10.62 3.11
N ASN F 230 7.60 11.47 2.98
CA ASN F 230 6.31 11.12 2.38
C ASN F 230 6.48 11.09 0.85
N GLN F 231 5.52 10.51 0.14
CA GLN F 231 5.66 10.34 -1.29
C GLN F 231 6.88 9.47 -1.57
N ARG F 232 7.06 8.44 -0.74
CA ARG F 232 8.18 7.50 -0.83
C ARG F 232 8.21 6.57 -2.06
N LEU F 233 9.41 6.30 -2.56
CA LEU F 233 9.62 5.39 -3.69
C LEU F 233 10.66 4.35 -3.28
N ALA F 234 10.56 3.16 -3.85
CA ALA F 234 11.44 2.02 -3.51
C ALA F 234 12.27 1.58 -4.72
N MET F 235 13.45 1.10 -4.42
CA MET F 235 14.35 0.55 -5.43
C MET F 235 13.82 -0.82 -5.85
N ASP F 236 13.73 -1.08 -7.18
CA ASP F 236 13.17 -2.27 -7.67
C ASP F 236 13.78 -2.69 -9.01
N VAL F 237 13.88 -4.01 -9.13
CA VAL F 237 14.28 -4.74 -10.33
C VAL F 237 13.10 -4.63 -11.28
N ALA F 238 13.35 -4.04 -12.44
CA ALA F 238 12.30 -3.77 -13.46
C ALA F 238 11.67 -5.05 -13.97
N ARG F 239 10.36 -5.20 -13.79
CA ARG F 239 9.57 -6.34 -14.27
C ARG F 239 10.01 -7.67 -13.69
N SER F 240 10.60 -7.60 -12.49
CA SER F 240 11.27 -8.76 -11.86
C SER F 240 12.20 -9.47 -12.82
N ASP F 241 12.77 -8.74 -13.80
CA ASP F 241 13.59 -9.34 -14.85
C ASP F 241 15.04 -8.84 -14.74
N VAL F 242 15.88 -9.67 -14.15
CA VAL F 242 17.28 -9.29 -14.00
C VAL F 242 17.99 -9.13 -15.35
N ASP F 243 17.48 -9.76 -16.40
CA ASP F 243 18.16 -9.68 -17.70
C ASP F 243 18.03 -8.32 -18.38
N LEU F 244 17.05 -7.53 -17.99
CA LEU F 244 16.92 -6.15 -18.48
C LEU F 244 18.05 -5.22 -18.08
N LYS F 245 18.86 -5.62 -17.10
CA LYS F 245 19.93 -4.77 -16.54
C LYS F 245 19.38 -3.35 -16.17
N LYS F 246 18.20 -3.30 -15.62
CA LYS F 246 17.61 -2.03 -15.17
C LYS F 246 17.06 -2.05 -13.74
N ILE F 247 17.66 -1.25 -12.86
CA ILE F 247 17.09 -0.96 -11.54
C ILE F 247 16.37 0.39 -11.61
N ILE F 248 15.09 0.40 -11.28
CA ILE F 248 14.31 1.61 -11.29
C ILE F 248 13.76 2.02 -9.93
N LEU F 249 13.20 3.23 -9.87
CA LEU F 249 12.60 3.75 -8.63
C LEU F 249 11.10 3.78 -8.77
N HIS F 250 10.42 2.87 -8.04
CA HIS F 250 9.05 2.51 -8.30
C HIS F 250 8.15 2.85 -7.09
N ARG F 251 6.84 2.90 -7.38
CA ARG F 251 5.82 2.93 -6.34
C ARG F 251 5.98 1.66 -5.46
N PRO F 252 5.93 1.83 -4.10
CA PRO F 252 6.23 0.67 -3.26
C PRO F 252 5.07 -0.30 -3.16
N HIS F 253 5.35 -1.58 -3.37
CA HIS F 253 4.33 -2.63 -3.21
C HIS F 253 4.80 -3.87 -2.48
N GLY F 254 6.08 -3.92 -2.09
CA GLY F 254 6.65 -4.97 -1.26
C GLY F 254 6.76 -6.36 -1.83
N ASP F 255 6.80 -6.45 -3.15
CA ASP F 255 6.95 -7.72 -3.87
C ASP F 255 8.45 -8.10 -3.87
N LEU F 256 8.72 -9.30 -4.37
CA LEU F 256 10.10 -9.81 -4.36
C LEU F 256 11.14 -8.90 -5.01
N ASN F 257 10.74 -8.28 -6.10
CA ASN F 257 11.61 -7.39 -6.87
C ASN F 257 11.94 -6.09 -6.16
N GLN F 258 11.28 -5.84 -5.02
CA GLN F 258 11.57 -4.66 -4.15
C GLN F 258 12.19 -5.04 -2.79
N GLN F 259 12.58 -6.30 -2.63
CA GLN F 259 13.19 -6.80 -1.41
C GLN F 259 14.67 -7.00 -1.56
N TRP F 260 15.44 -6.52 -0.62
CA TRP F 260 16.90 -6.52 -0.64
C TRP F 260 17.46 -6.91 0.74
N VAL F 261 18.69 -7.36 0.77
CA VAL F 261 19.33 -7.70 2.03
C VAL F 261 20.73 -7.12 1.98
N LEU F 262 21.11 -6.42 3.05
CA LEU F 262 22.46 -5.93 3.18
C LEU F 262 23.34 -7.04 3.72
N PHE F 263 24.30 -7.48 2.92
CA PHE F 263 25.12 -8.63 3.28
C PHE F 263 26.50 -8.09 3.68
N TYR F 264 26.62 -7.83 4.98
CA TYR F 264 27.79 -7.21 5.54
C TYR F 264 28.65 -8.27 6.18
#